data_4KFN
#
_entry.id   4KFN
#
_cell.length_a   60.475
_cell.length_b   106.601
_cell.length_c   83.001
_cell.angle_alpha   90.00
_cell.angle_beta   96.68
_cell.angle_gamma   90.00
#
_symmetry.space_group_name_H-M   'P 1 21 1'
#
loop_
_entity.id
_entity.type
_entity.pdbx_description
1 polymer 'Nicotinamide phosphoribosyltransferase'
2 non-polymer N-[4-(piperidin-1-ylsulfonyl)benzyl]-1H-pyrrolo[3,2-c]pyridine-2-carboxamide
3 non-polymer 'PHOSPHATE ION'
4 non-polymer 1,2-ETHANEDIOL
5 water water
#
_entity_poly.entity_id   1
_entity_poly.type   'polypeptide(L)'
_entity_poly.pdbx_seq_one_letter_code
;MNPAAEAEFNILLATDSYKVTHYKQYPPNTSKVYSYFECREKKTENSKLRKVKYEETVFYGLQYILNKYLKGKVVTKEKI
QEAKDVYKEHFQDDVFNEKGWNYILEKYDGHLPIEIKAVPEGFVIPRGNVLFTVENTDPECYWLTNWIETILVQSWYPIT
VATNSREQKKILAKYLLETSGNLDGLEYKLHDFGYRGVSSQETAGIGASAHLVNFKGTDTVAGLALIKKYYGTKDPVPGY
SVPAAEHSTITAWGKDHEKDAFEHIVTQFSSVPVSVVSDSYDIYNACEKIWGEDLRHLIVSRSTQAPLIIRPDSGNPLDT
VLKVLEILGKKFPVTENSKGYKLLPPYLRVIQGDGVDINTLQEIVEGMKQKMWSIENIAFGSGGGLLQKLTRDLLNCSFK
CSYVVTNGLGINVFKDPVADPNKRSKKGRLSLHRTPAGNFVTLEEGKGDLEEYGQDLLHTVFKNGKVTKSYSFDEIRKNA
QLNIELEAAHHLEHHHHHHHH
;
_entity_poly.pdbx_strand_id   A,B
#
loop_
_chem_comp.id
_chem_comp.type
_chem_comp.name
_chem_comp.formula
1QR non-polymer N-[4-(piperidin-1-ylsulfonyl)benzyl]-1H-pyrrolo[3,2-c]pyridine-2-carboxamide 'C20 H22 N4 O3 S'
EDO non-polymer 1,2-ETHANEDIOL 'C2 H6 O2'
PO4 non-polymer 'PHOSPHATE ION' 'O4 P -3'
#
# COMPACT_ATOMS: atom_id res chain seq x y z
N GLU A 8 14.04 -15.59 -5.80
CA GLU A 8 14.71 -15.06 -4.62
C GLU A 8 14.96 -13.55 -4.79
N PHE A 9 14.96 -12.83 -3.67
CA PHE A 9 15.16 -11.38 -3.68
C PHE A 9 16.58 -11.04 -4.09
N ASN A 10 16.70 -10.03 -4.93
CA ASN A 10 18.00 -9.63 -5.46
C ASN A 10 18.15 -8.12 -5.25
N ILE A 11 19.01 -7.73 -4.31
CA ILE A 11 19.23 -6.33 -3.98
C ILE A 11 19.65 -5.50 -5.20
N LEU A 12 20.28 -6.16 -6.17
CA LEU A 12 20.70 -5.45 -7.39
C LEU A 12 19.53 -5.05 -8.26
N LEU A 13 18.36 -5.66 -8.01
CA LEU A 13 17.15 -5.38 -8.77
C LEU A 13 16.13 -4.66 -7.90
N ALA A 14 16.56 -4.21 -6.73
CA ALA A 14 15.64 -3.58 -5.78
C ALA A 14 15.90 -2.10 -5.58
N THR A 15 16.12 -1.41 -6.69
CA THR A 15 16.32 0.03 -6.67
C THR A 15 15.52 0.66 -7.80
N ASP A 16 15.33 1.98 -7.74
CA ASP A 16 14.80 2.72 -8.88
C ASP A 16 15.75 2.57 -10.04
N SER A 17 15.22 2.30 -11.24
CA SER A 17 16.07 2.07 -12.41
C SER A 17 17.14 3.13 -12.56
N TYR A 18 16.78 4.42 -12.43
CA TYR A 18 17.79 5.45 -12.72
C TYR A 18 19.02 5.37 -11.82
N LYS A 19 18.88 4.79 -10.64
CA LYS A 19 20.00 4.73 -9.71
C LYS A 19 21.11 3.79 -10.23
N VAL A 20 20.74 2.88 -11.14
CA VAL A 20 21.73 2.02 -11.81
C VAL A 20 22.77 2.88 -12.53
N THR A 21 22.39 4.10 -12.92
CA THR A 21 23.27 4.95 -13.71
C THR A 21 24.05 6.02 -12.93
N HIS A 22 23.82 6.07 -11.62
CA HIS A 22 24.36 7.17 -10.81
C HIS A 22 25.85 7.09 -10.54
N TYR A 23 26.42 5.88 -10.61
CA TYR A 23 27.82 5.71 -10.34
C TYR A 23 28.67 6.44 -11.38
N LYS A 24 28.07 6.79 -12.52
CA LYS A 24 28.77 7.57 -13.53
C LYS A 24 28.56 9.08 -13.37
N GLN A 25 27.83 9.49 -12.34
CA GLN A 25 27.39 10.88 -12.26
C GLN A 25 27.92 11.70 -11.09
N TYR A 26 28.37 11.04 -10.04
CA TYR A 26 28.95 11.73 -8.89
C TYR A 26 30.28 12.35 -9.29
N PRO A 27 30.75 13.35 -8.54
CA PRO A 27 32.04 13.99 -8.87
C PRO A 27 33.15 12.95 -8.86
N PRO A 28 34.08 13.01 -9.82
CA PRO A 28 35.23 12.12 -9.72
C PRO A 28 35.97 12.29 -8.39
N ASN A 29 36.61 11.23 -7.91
CA ASN A 29 37.40 11.26 -6.66
C ASN A 29 36.53 11.44 -5.45
N THR A 30 35.31 10.91 -5.51
CA THR A 30 34.39 10.92 -4.37
C THR A 30 34.50 9.60 -3.63
N SER A 31 34.90 9.70 -2.37
CA SER A 31 35.17 8.52 -1.55
C SER A 31 34.05 8.25 -0.53
N LYS A 32 33.19 9.24 -0.32
CA LYS A 32 32.14 9.09 0.69
C LYS A 32 30.86 9.77 0.22
N VAL A 33 29.73 9.07 0.34
CA VAL A 33 28.42 9.68 0.18
C VAL A 33 27.66 9.36 1.46
N TYR A 34 27.17 10.40 2.12
CA TYR A 34 26.50 10.25 3.41
C TYR A 34 25.12 10.88 3.29
N SER A 35 24.11 10.10 3.64
CA SER A 35 22.74 10.52 3.44
C SER A 35 21.92 10.30 4.71
N TYR A 36 20.77 10.93 4.78
CA TYR A 36 19.95 10.84 5.98
C TYR A 36 18.48 10.79 5.63
N PHE A 37 17.69 10.29 6.58
CA PHE A 37 16.24 10.19 6.46
C PHE A 37 15.60 11.07 7.54
N GLU A 38 14.59 11.81 7.14
CA GLU A 38 13.79 12.58 8.09
C GLU A 38 12.33 12.56 7.66
N CYS A 39 11.45 12.93 8.58
CA CYS A 39 10.06 13.21 8.26
C CYS A 39 9.98 14.72 8.23
N ARG A 40 10.21 15.26 7.04
CA ARG A 40 10.53 16.66 6.86
C ARG A 40 9.40 17.54 7.40
N GLU A 41 9.76 18.65 8.04
CA GLU A 41 8.77 19.58 8.57
C GLU A 41 8.06 20.30 7.44
N LYS A 42 6.78 20.62 7.64
CA LYS A 42 6.00 21.30 6.61
C LYS A 42 5.35 22.56 7.16
N LYS A 43 5.75 23.72 6.62
CA LYS A 43 5.20 25.01 7.03
C LYS A 43 3.67 25.03 7.02
N LYS A 53 -2.66 17.58 12.45
CA LYS A 53 -1.24 17.82 12.54
C LYS A 53 -0.57 16.57 13.08
N TYR A 54 0.55 16.23 12.49
CA TYR A 54 1.34 15.07 12.89
C TYR A 54 2.70 15.61 13.28
N GLU A 55 2.79 16.19 14.47
CA GLU A 55 3.98 16.91 14.87
C GLU A 55 5.11 16.01 15.32
N GLU A 56 4.79 14.77 15.63
CA GLU A 56 5.81 13.83 16.10
C GLU A 56 5.55 12.44 15.51
N THR A 57 6.63 11.72 15.24
CA THR A 57 6.50 10.45 14.53
C THR A 57 7.12 9.32 15.33
N VAL A 58 6.51 8.15 15.23
CA VAL A 58 7.02 6.95 15.83
C VAL A 58 8.03 6.32 14.87
N PHE A 59 9.29 6.17 15.30
CA PHE A 59 10.27 5.52 14.41
C PHE A 59 10.18 4.00 14.54
N TYR A 60 9.73 3.34 13.47
CA TYR A 60 9.50 1.89 13.54
C TYR A 60 9.62 1.28 12.15
N GLY A 61 10.28 0.14 12.05
CA GLY A 61 10.25 -0.66 10.85
C GLY A 61 11.59 -0.91 10.18
N LEU A 62 12.60 -0.12 10.53
CA LEU A 62 13.92 -0.26 9.90
C LEU A 62 14.52 -1.65 10.16
N GLN A 63 14.34 -2.16 11.37
CA GLN A 63 14.93 -3.44 11.76
C GLN A 63 14.42 -4.58 10.88
N TYR A 64 13.13 -4.53 10.53
CA TYR A 64 12.60 -5.43 9.52
C TYR A 64 13.37 -5.40 8.19
N ILE A 65 13.56 -4.19 7.66
CA ILE A 65 14.26 -4.05 6.38
C ILE A 65 15.70 -4.52 6.48
N LEU A 66 16.40 -4.14 7.56
CA LEU A 66 17.80 -4.54 7.72
C LEU A 66 17.95 -6.06 7.67
N ASN A 67 17.10 -6.75 8.41
CA ASN A 67 17.22 -8.21 8.50
C ASN A 67 16.72 -8.94 7.27
N LYS A 68 15.58 -8.51 6.74
CA LYS A 68 15.01 -9.20 5.59
C LYS A 68 15.78 -8.99 4.28
N TYR A 69 16.35 -7.80 4.09
CA TYR A 69 16.86 -7.42 2.78
C TYR A 69 18.33 -7.02 2.73
N LEU A 70 18.87 -6.50 3.81
CA LEU A 70 20.19 -5.87 3.72
C LEU A 70 21.34 -6.66 4.34
N LYS A 71 21.04 -7.55 5.27
CA LYS A 71 22.11 -8.20 6.01
C LYS A 71 22.66 -9.45 5.34
N GLY A 72 23.91 -9.76 5.67
CA GLY A 72 24.55 -10.98 5.21
C GLY A 72 25.00 -10.92 3.76
N LYS A 73 25.09 -12.10 3.14
CA LYS A 73 25.58 -12.19 1.77
C LYS A 73 24.46 -11.92 0.78
N VAL A 74 24.37 -10.67 0.33
CA VAL A 74 23.27 -10.24 -0.52
C VAL A 74 23.70 -10.10 -1.98
N VAL A 75 24.99 -10.27 -2.24
CA VAL A 75 25.53 -10.27 -3.60
C VAL A 75 26.11 -11.66 -3.90
N THR A 76 25.76 -12.21 -5.06
CA THR A 76 26.35 -13.45 -5.57
C THR A 76 26.64 -13.28 -7.05
N LYS A 77 27.47 -14.16 -7.63
CA LYS A 77 27.78 -14.08 -9.04
C LYS A 77 26.52 -14.18 -9.88
N GLU A 78 25.59 -15.03 -9.45
CA GLU A 78 24.36 -15.24 -10.20
C GLU A 78 23.49 -13.99 -10.18
N LYS A 79 23.41 -13.33 -9.02
CA LYS A 79 22.62 -12.12 -8.89
C LYS A 79 23.21 -10.98 -9.72
N ILE A 80 24.54 -10.91 -9.77
CA ILE A 80 25.18 -9.92 -10.63
C ILE A 80 24.84 -10.16 -12.09
N GLN A 81 24.97 -11.42 -12.53
CA GLN A 81 24.67 -11.75 -13.93
C GLN A 81 23.20 -11.50 -14.27
N GLU A 82 22.31 -11.84 -13.33
CA GLU A 82 20.88 -11.62 -13.52
C GLU A 82 20.60 -10.13 -13.73
N ALA A 83 21.16 -9.29 -12.86
CA ALA A 83 20.97 -7.85 -13.00
C ALA A 83 21.54 -7.32 -14.30
N LYS A 84 22.73 -7.80 -14.66
CA LYS A 84 23.32 -7.40 -15.90
C LYS A 84 22.40 -7.70 -17.08
N ASP A 85 21.84 -8.92 -17.09
CA ASP A 85 20.95 -9.35 -18.17
C ASP A 85 19.67 -8.52 -18.26
N VAL A 86 19.08 -8.26 -17.09
CA VAL A 86 17.85 -7.49 -17.02
C VAL A 86 18.09 -6.05 -17.46
N TYR A 87 19.09 -5.41 -16.90
CA TYR A 87 19.34 -4.01 -17.24
C TYR A 87 19.73 -3.77 -18.69
N LYS A 88 20.42 -4.73 -19.31
CA LYS A 88 20.75 -4.59 -20.72
C LYS A 88 19.48 -4.41 -21.55
N GLU A 89 18.43 -5.17 -21.22
CA GLU A 89 17.17 -5.06 -21.94
C GLU A 89 16.36 -3.84 -21.50
N HIS A 90 16.34 -3.60 -20.19
CA HIS A 90 15.54 -2.52 -19.61
C HIS A 90 16.00 -1.14 -20.10
N PHE A 91 17.30 -0.96 -20.27
CA PHE A 91 17.86 0.31 -20.72
C PHE A 91 18.17 0.33 -22.21
N GLN A 92 18.16 -0.85 -22.82
CA GLN A 92 18.63 -1.01 -24.20
C GLN A 92 20.06 -0.46 -24.33
N ASP A 93 20.85 -0.72 -23.29
CA ASP A 93 22.18 -0.16 -23.18
C ASP A 93 22.87 -0.90 -22.05
N ASP A 94 24.19 -0.86 -22.02
CA ASP A 94 24.96 -1.71 -21.10
C ASP A 94 25.29 -1.10 -19.74
N VAL A 95 24.77 0.09 -19.47
CA VAL A 95 25.12 0.81 -18.26
C VAL A 95 24.75 -0.05 -17.05
N PHE A 96 25.72 -0.31 -16.20
CA PHE A 96 25.55 -1.18 -15.02
C PHE A 96 26.92 -1.39 -14.42
N ASN A 97 27.03 -1.06 -13.14
CA ASN A 97 28.29 -1.11 -12.47
C ASN A 97 28.59 -2.54 -12.04
N GLU A 98 28.85 -3.42 -13.02
CA GLU A 98 29.26 -4.79 -12.73
C GLU A 98 30.54 -4.82 -11.90
N LYS A 99 31.53 -4.00 -12.25
CA LYS A 99 32.76 -3.91 -11.47
C LYS A 99 32.53 -3.59 -10.00
N GLY A 100 31.66 -2.60 -9.74
CA GLY A 100 31.39 -2.17 -8.39
C GLY A 100 30.75 -3.27 -7.56
N TRP A 101 29.80 -3.98 -8.17
CA TRP A 101 29.14 -5.08 -7.45
C TRP A 101 30.10 -6.26 -7.27
N ASN A 102 30.92 -6.52 -8.28
N ASN A 102 30.90 -6.52 -8.30
CA ASN A 102 31.86 -7.62 -8.17
CA ASN A 102 31.93 -7.55 -8.21
C ASN A 102 32.93 -7.36 -7.09
C ASN A 102 32.86 -7.33 -7.04
N TYR A 103 33.27 -6.08 -6.87
CA TYR A 103 34.14 -5.69 -5.77
C TYR A 103 33.57 -6.07 -4.40
N ILE A 104 32.30 -5.76 -4.18
CA ILE A 104 31.66 -6.14 -2.94
C ILE A 104 31.63 -7.66 -2.74
N LEU A 105 31.34 -8.38 -3.81
CA LEU A 105 31.36 -9.84 -3.77
C LEU A 105 32.74 -10.37 -3.37
N GLU A 106 33.79 -9.86 -4.02
CA GLU A 106 35.13 -10.38 -3.78
C GLU A 106 35.77 -9.95 -2.47
N LYS A 107 35.58 -8.68 -2.11
CA LYS A 107 36.29 -8.13 -0.97
C LYS A 107 35.55 -8.41 0.33
N TYR A 108 34.22 -8.44 0.26
CA TYR A 108 33.38 -8.50 1.47
C TYR A 108 32.46 -9.71 1.52
N ASP A 109 32.75 -10.71 0.68
CA ASP A 109 31.90 -11.89 0.54
C ASP A 109 30.43 -11.49 0.37
N GLY A 110 30.22 -10.45 -0.42
CA GLY A 110 28.88 -10.04 -0.79
C GLY A 110 28.12 -9.31 0.30
N HIS A 111 28.81 -8.88 1.35
CA HIS A 111 28.18 -8.11 2.44
C HIS A 111 28.32 -6.61 2.14
N LEU A 112 27.28 -5.81 2.41
CA LEU A 112 27.30 -4.39 2.03
C LEU A 112 28.20 -3.54 2.91
N PRO A 113 29.18 -2.84 2.31
CA PRO A 113 30.05 -1.97 3.12
C PRO A 113 29.37 -0.63 3.37
N ILE A 114 28.39 -0.69 4.27
CA ILE A 114 27.49 0.40 4.60
C ILE A 114 27.38 0.46 6.12
N GLU A 115 27.33 1.66 6.67
CA GLU A 115 27.02 1.83 8.08
C GLU A 115 25.76 2.66 8.22
N ILE A 116 24.81 2.14 8.99
CA ILE A 116 23.56 2.88 9.23
C ILE A 116 23.44 3.17 10.71
N LYS A 117 23.15 4.43 11.04
CA LYS A 117 22.93 4.79 12.44
C LYS A 117 21.52 5.29 12.57
N ALA A 118 20.82 4.86 13.63
CA ALA A 118 19.39 5.14 13.76
C ALA A 118 18.98 5.46 15.19
N VAL A 119 17.93 6.26 15.33
CA VAL A 119 17.28 6.49 16.62
C VAL A 119 16.60 5.17 17.02
N PRO A 120 16.55 4.84 18.33
CA PRO A 120 15.97 3.55 18.72
C PRO A 120 14.53 3.39 18.26
N GLU A 121 14.17 2.19 17.84
CA GLU A 121 12.80 1.98 17.39
C GLU A 121 11.81 2.18 18.51
N GLY A 122 10.69 2.79 18.14
CA GLY A 122 9.65 3.14 19.09
C GLY A 122 9.79 4.57 19.57
N PHE A 123 10.97 5.17 19.39
CA PHE A 123 11.16 6.56 19.80
C PHE A 123 10.20 7.47 19.09
N VAL A 124 9.69 8.44 19.81
CA VAL A 124 8.72 9.41 19.29
C VAL A 124 9.45 10.73 19.15
N ILE A 125 9.61 11.18 17.90
CA ILE A 125 10.51 12.28 17.56
C ILE A 125 9.75 13.33 16.77
N PRO A 126 9.92 14.61 17.11
CA PRO A 126 9.26 15.68 16.35
C PRO A 126 9.71 15.71 14.90
N ARG A 127 8.83 16.21 14.05
CA ARG A 127 9.12 16.37 12.64
C ARG A 127 10.41 17.16 12.42
N GLY A 128 11.12 16.82 11.36
CA GLY A 128 12.26 17.62 10.94
C GLY A 128 13.56 17.26 11.62
N ASN A 129 13.61 16.05 12.19
CA ASN A 129 14.81 15.55 12.83
C ASN A 129 15.41 14.35 12.10
N VAL A 130 16.73 14.23 12.12
CA VAL A 130 17.34 13.04 11.55
C VAL A 130 16.89 11.78 12.31
N LEU A 131 16.43 10.79 11.57
CA LEU A 131 15.99 9.52 12.18
C LEU A 131 16.99 8.42 11.92
N PHE A 132 17.60 8.43 10.73
CA PHE A 132 18.72 7.54 10.50
C PHE A 132 19.62 8.11 9.42
N THR A 133 20.88 7.66 9.43
CA THR A 133 21.87 8.08 8.44
C THR A 133 22.50 6.84 7.83
N VAL A 134 23.01 6.99 6.61
CA VAL A 134 23.61 5.91 5.83
C VAL A 134 24.88 6.43 5.19
N GLU A 135 25.94 5.63 5.24
CA GLU A 135 27.18 6.00 4.54
C GLU A 135 27.95 4.74 4.18
N ASN A 136 28.79 4.85 3.16
CA ASN A 136 29.62 3.73 2.76
C ASN A 136 30.86 3.67 3.64
N THR A 137 31.37 2.46 3.88
CA THR A 137 32.52 2.28 4.77
C THR A 137 33.79 1.99 3.98
N ASP A 138 33.63 1.87 2.67
CA ASP A 138 34.75 1.65 1.74
C ASP A 138 34.63 2.70 0.65
N PRO A 139 35.72 3.43 0.37
CA PRO A 139 35.70 4.49 -0.65
C PRO A 139 35.23 3.99 -2.02
N GLU A 140 35.50 2.73 -2.35
CA GLU A 140 35.07 2.19 -3.64
C GLU A 140 33.53 2.16 -3.79
N CYS A 141 32.85 2.17 -2.66
CA CYS A 141 31.40 1.94 -2.67
C CYS A 141 30.62 3.22 -2.36
N TYR A 142 31.17 4.36 -2.79
CA TYR A 142 30.51 5.66 -2.65
C TYR A 142 29.10 5.65 -3.27
N TRP A 143 28.92 4.87 -4.34
CA TRP A 143 27.67 4.76 -5.07
C TRP A 143 26.60 3.94 -4.32
N LEU A 144 27.01 3.20 -3.30
CA LEU A 144 26.11 2.24 -2.70
C LEU A 144 25.13 2.90 -1.75
N THR A 145 25.55 4.02 -1.16
CA THR A 145 24.73 4.72 -0.15
C THR A 145 23.37 5.04 -0.73
N ASN A 146 23.34 5.62 -1.91
CA ASN A 146 22.06 5.97 -2.47
C ASN A 146 21.38 4.89 -3.32
N TRP A 147 22.14 3.83 -3.66
CA TRP A 147 21.52 2.65 -4.27
C TRP A 147 20.37 2.14 -3.41
N ILE A 148 20.62 2.10 -2.11
CA ILE A 148 19.66 1.53 -1.15
C ILE A 148 18.67 2.56 -0.61
N GLU A 149 18.66 3.76 -1.19
CA GLU A 149 17.63 4.74 -0.85
C GLU A 149 16.23 4.15 -0.99
N THR A 150 15.97 3.51 -2.13
CA THR A 150 14.62 3.09 -2.45
C THR A 150 14.05 2.13 -1.41
N ILE A 151 14.86 1.15 -1.05
CA ILE A 151 14.42 0.14 -0.10
C ILE A 151 14.31 0.72 1.32
N LEU A 152 15.23 1.59 1.70
CA LEU A 152 15.19 2.17 3.04
C LEU A 152 14.03 3.15 3.18
N VAL A 153 13.71 3.88 2.12
CA VAL A 153 12.65 4.90 2.21
C VAL A 153 11.28 4.26 2.40
N GLN A 154 11.16 2.97 2.05
CA GLN A 154 9.92 2.24 2.33
C GLN A 154 9.62 2.11 3.84
N SER A 155 10.59 2.47 4.67
CA SER A 155 10.35 2.57 6.11
C SER A 155 9.30 3.63 6.38
N TRP A 156 9.01 4.49 5.39
CA TRP A 156 7.95 5.49 5.56
C TRP A 156 6.65 4.82 6.00
N TYR A 157 6.42 3.61 5.49
CA TYR A 157 5.15 2.96 5.67
C TYR A 157 4.91 2.53 7.14
N PRO A 158 5.79 1.68 7.71
CA PRO A 158 5.56 1.38 9.13
C PRO A 158 5.69 2.61 10.02
N ILE A 159 6.55 3.57 9.68
CA ILE A 159 6.57 4.80 10.47
C ILE A 159 5.21 5.50 10.45
N THR A 160 4.61 5.56 9.27
CA THR A 160 3.39 6.33 9.12
C THR A 160 2.19 5.58 9.73
N VAL A 161 2.14 4.26 9.56
CA VAL A 161 1.07 3.50 10.19
C VAL A 161 1.17 3.62 11.72
N ALA A 162 2.38 3.43 12.25
CA ALA A 162 2.56 3.49 13.71
C ALA A 162 2.21 4.87 14.25
N THR A 163 2.61 5.89 13.51
CA THR A 163 2.33 7.27 13.91
C THR A 163 0.85 7.61 13.86
N ASN A 164 0.19 7.26 12.77
CA ASN A 164 -1.23 7.53 12.63
C ASN A 164 -2.09 6.72 13.62
N SER A 165 -1.66 5.50 13.91
CA SER A 165 -2.31 4.65 14.90
C SER A 165 -2.17 5.30 16.29
N ARG A 166 -0.96 5.78 16.59
CA ARG A 166 -0.71 6.42 17.89
C ARG A 166 -1.54 7.69 18.03
N GLU A 167 -1.72 8.45 16.95
CA GLU A 167 -2.49 9.69 17.04
C GLU A 167 -3.96 9.37 17.32
N GLN A 168 -4.43 8.25 16.79
CA GLN A 168 -5.78 7.77 17.11
C GLN A 168 -5.89 7.32 18.56
N LYS A 169 -4.84 6.69 19.05
CA LYS A 169 -4.82 6.31 20.47
C LYS A 169 -4.86 7.55 21.37
N LYS A 170 -4.22 8.64 20.97
CA LYS A 170 -4.29 9.86 21.77
C LYS A 170 -5.73 10.38 21.87
N ILE A 171 -6.43 10.34 20.75
CA ILE A 171 -7.84 10.76 20.71
C ILE A 171 -8.69 9.87 21.60
N LEU A 172 -8.53 8.55 21.46
CA LEU A 172 -9.30 7.61 22.27
C LEU A 172 -8.99 7.82 23.75
N ALA A 173 -7.70 8.00 24.07
CA ALA A 173 -7.31 8.18 25.48
C ALA A 173 -7.97 9.42 26.08
N LYS A 174 -7.96 10.52 25.32
CA LYS A 174 -8.51 11.77 25.80
C LYS A 174 -10.00 11.60 26.14
N TYR A 175 -10.73 11.00 25.23
CA TYR A 175 -12.17 10.86 25.40
C TYR A 175 -12.55 9.73 26.39
N LEU A 176 -11.76 8.67 26.44
CA LEU A 176 -12.02 7.61 27.41
C LEU A 176 -11.78 8.17 28.81
N LEU A 177 -10.71 8.95 28.97
CA LEU A 177 -10.38 9.50 30.29
C LEU A 177 -11.48 10.48 30.72
N GLU A 178 -11.94 11.30 29.79
CA GLU A 178 -12.94 12.31 30.10
C GLU A 178 -14.29 11.71 30.46
N THR A 179 -14.71 10.70 29.69
CA THR A 179 -16.03 10.11 29.91
C THR A 179 -16.08 8.98 30.93
N SER A 180 -14.94 8.48 31.39
CA SER A 180 -14.94 7.33 32.31
C SER A 180 -14.04 7.49 33.52
N GLY A 181 -13.07 8.41 33.42
CA GLY A 181 -12.14 8.64 34.50
C GLY A 181 -10.89 7.76 34.51
N ASN A 182 -10.74 6.88 33.52
CA ASN A 182 -9.56 6.05 33.46
C ASN A 182 -9.29 5.58 32.02
N LEU A 183 -8.24 4.80 31.85
CA LEU A 183 -7.86 4.38 30.50
C LEU A 183 -7.96 2.87 30.37
N ASP A 184 -8.77 2.22 31.22
CA ASP A 184 -8.85 0.76 31.15
C ASP A 184 -9.35 0.32 29.78
N GLY A 185 -8.64 -0.67 29.22
CA GLY A 185 -9.00 -1.24 27.93
C GLY A 185 -8.66 -0.39 26.72
N LEU A 186 -7.94 0.71 26.93
CA LEU A 186 -7.58 1.62 25.82
C LEU A 186 -6.87 0.87 24.70
N GLU A 187 -6.04 -0.10 25.08
N GLU A 187 -6.02 -0.08 25.07
CA GLU A 187 -5.20 -0.82 24.13
CA GLU A 187 -5.20 -0.81 24.09
C GLU A 187 -6.00 -1.81 23.27
C GLU A 187 -6.03 -1.74 23.21
N TYR A 188 -7.30 -1.91 23.53
CA TYR A 188 -8.18 -2.73 22.69
C TYR A 188 -9.24 -1.91 21.96
N LYS A 189 -9.08 -0.59 21.97
CA LYS A 189 -10.14 0.27 21.44
C LYS A 189 -10.08 0.53 19.92
N LEU A 190 -8.97 0.17 19.28
CA LEU A 190 -8.84 0.34 17.83
C LEU A 190 -8.29 -0.94 17.23
N HIS A 191 -9.17 -1.65 16.54
CA HIS A 191 -8.86 -2.99 16.08
C HIS A 191 -8.56 -2.92 14.58
N ASP A 192 -7.52 -3.63 14.16
CA ASP A 192 -7.09 -3.66 12.76
C ASP A 192 -7.99 -4.61 11.97
N PHE A 193 -8.74 -4.06 11.01
CA PHE A 193 -9.61 -4.81 10.11
C PHE A 193 -9.03 -4.76 8.68
N GLY A 194 -7.76 -4.39 8.54
CA GLY A 194 -7.24 -3.98 7.24
C GLY A 194 -6.63 -4.99 6.28
N TYR A 195 -6.68 -6.28 6.64
CA TYR A 195 -5.97 -7.29 5.85
C TYR A 195 -6.43 -7.28 4.37
N ARG A 196 -7.75 -7.27 4.13
CA ARG A 196 -8.25 -7.34 2.76
C ARG A 196 -8.01 -6.06 1.98
N GLY A 197 -7.85 -4.96 2.73
CA GLY A 197 -7.83 -3.62 2.16
C GLY A 197 -6.45 -3.05 1.88
N VAL A 198 -5.40 -3.84 2.13
CA VAL A 198 -4.06 -3.39 1.76
C VAL A 198 -3.62 -4.00 0.45
N SER A 199 -2.47 -3.56 -0.04
CA SER A 199 -2.06 -3.86 -1.40
C SER A 199 -1.33 -5.16 -1.59
N SER A 200 -0.86 -5.79 -0.52
CA SER A 200 -0.18 -7.07 -0.65
C SER A 200 -0.12 -7.80 0.69
N GLN A 201 0.27 -9.07 0.65
CA GLN A 201 0.50 -9.82 1.88
C GLN A 201 1.64 -9.22 2.68
N GLU A 202 2.69 -8.78 1.99
CA GLU A 202 3.83 -8.22 2.71
C GLU A 202 3.43 -6.94 3.44
N THR A 203 2.71 -6.07 2.72
CA THR A 203 2.19 -4.86 3.35
C THR A 203 1.32 -5.16 4.55
N ALA A 204 0.48 -6.18 4.43
CA ALA A 204 -0.38 -6.55 5.55
C ALA A 204 0.42 -6.81 6.83
N GLY A 205 1.48 -7.61 6.71
CA GLY A 205 2.30 -7.93 7.88
C GLY A 205 2.98 -6.71 8.45
N ILE A 206 3.57 -5.90 7.57
CA ILE A 206 4.28 -4.72 8.02
C ILE A 206 3.32 -3.73 8.70
N GLY A 207 2.23 -3.42 8.03
CA GLY A 207 1.27 -2.45 8.55
C GLY A 207 0.62 -2.95 9.84
N ALA A 208 0.20 -4.21 9.88
CA ALA A 208 -0.38 -4.74 11.10
C ALA A 208 0.62 -4.65 12.25
N SER A 209 1.89 -4.94 11.98
CA SER A 209 2.87 -4.89 13.07
C SER A 209 3.03 -3.47 13.60
N ALA A 210 2.93 -2.48 12.71
CA ALA A 210 3.05 -1.09 13.11
C ALA A 210 1.89 -0.63 14.00
N HIS A 211 0.69 -1.10 13.68
CA HIS A 211 -0.46 -0.80 14.52
C HIS A 211 -0.30 -1.40 15.91
N LEU A 212 0.26 -2.61 15.97
CA LEU A 212 0.48 -3.30 17.25
C LEU A 212 1.50 -2.61 18.15
N VAL A 213 2.24 -1.65 17.61
CA VAL A 213 3.08 -0.82 18.48
C VAL A 213 2.23 -0.07 19.53
N ASN A 214 0.98 0.23 19.16
CA ASN A 214 0.08 1.05 19.99
C ASN A 214 -1.11 0.29 20.59
N PHE A 215 -1.52 -0.78 19.93
CA PHE A 215 -2.72 -1.49 20.37
C PHE A 215 -2.44 -2.98 20.40
N LYS A 216 -3.37 -3.74 20.98
CA LYS A 216 -3.21 -5.19 21.03
C LYS A 216 -4.27 -5.95 20.22
N GLY A 217 -5.18 -5.25 19.57
CA GLY A 217 -6.24 -5.91 18.83
C GLY A 217 -6.02 -5.91 17.32
N THR A 218 -5.96 -7.10 16.74
CA THR A 218 -5.80 -7.23 15.28
C THR A 218 -6.49 -8.47 14.72
N ASP A 219 -7.04 -8.31 13.51
CA ASP A 219 -7.47 -9.44 12.71
C ASP A 219 -6.49 -9.71 11.58
N THR A 220 -5.46 -8.86 11.45
CA THR A 220 -4.50 -9.03 10.35
C THR A 220 -3.41 -9.96 10.84
N VAL A 221 -3.68 -11.25 10.70
CA VAL A 221 -2.85 -12.31 11.28
C VAL A 221 -1.37 -12.22 10.84
N ALA A 222 -1.15 -11.74 9.62
CA ALA A 222 0.20 -11.59 9.09
C ALA A 222 1.15 -10.80 10.01
N GLY A 223 0.61 -9.87 10.79
CA GLY A 223 1.43 -9.06 11.68
C GLY A 223 2.13 -9.88 12.77
N LEU A 224 1.50 -10.97 13.20
CA LEU A 224 2.02 -11.74 14.33
C LEU A 224 3.36 -12.41 13.96
N ALA A 225 3.41 -13.07 12.82
CA ALA A 225 4.63 -13.79 12.39
C ALA A 225 5.78 -12.83 12.14
N LEU A 226 5.47 -11.65 11.63
CA LEU A 226 6.51 -10.67 11.38
C LEU A 226 7.14 -10.25 12.69
N ILE A 227 6.31 -9.92 13.68
CA ILE A 227 6.83 -9.50 14.97
C ILE A 227 7.65 -10.62 15.61
N LYS A 228 7.14 -11.85 15.52
CA LYS A 228 7.86 -12.99 16.10
C LYS A 228 9.25 -13.17 15.47
N LYS A 229 9.32 -13.05 14.14
CA LYS A 229 10.57 -13.26 13.42
C LYS A 229 11.60 -12.14 13.58
N TYR A 230 11.16 -10.89 13.57
CA TYR A 230 12.09 -9.76 13.43
C TYR A 230 12.29 -8.95 14.69
N TYR A 231 11.35 -9.06 15.63
CA TYR A 231 11.38 -8.23 16.82
C TYR A 231 11.32 -9.00 18.13
N GLY A 232 10.25 -9.75 18.32
CA GLY A 232 10.11 -10.62 19.48
C GLY A 232 9.33 -10.01 20.63
N THR A 233 8.49 -10.81 21.30
CA THR A 233 7.79 -10.38 22.50
C THR A 233 7.95 -11.43 23.59
N LYS A 234 7.89 -10.97 24.84
CA LYS A 234 7.91 -11.89 25.98
C LYS A 234 6.65 -12.76 25.93
N ASP A 235 5.52 -12.13 25.65
CA ASP A 235 4.26 -12.86 25.49
C ASP A 235 4.25 -13.72 24.23
N PRO A 236 3.48 -14.83 24.24
CA PRO A 236 3.39 -15.71 23.06
C PRO A 236 3.05 -14.95 21.80
N VAL A 237 2.03 -14.09 21.85
CA VAL A 237 1.69 -13.26 20.69
C VAL A 237 1.55 -11.78 21.04
N PRO A 238 1.76 -10.90 20.04
CA PRO A 238 1.61 -9.47 20.33
C PRO A 238 0.19 -8.93 20.14
N GLY A 239 -0.69 -9.71 19.53
CA GLY A 239 -2.03 -9.22 19.24
C GLY A 239 -3.09 -10.30 19.34
N TYR A 240 -4.33 -9.89 19.55
CA TYR A 240 -5.40 -10.81 19.94
C TYR A 240 -6.70 -10.50 19.21
N SER A 241 -7.57 -11.49 19.12
CA SER A 241 -8.91 -11.25 18.62
C SER A 241 -9.90 -12.14 19.32
N VAL A 242 -11.15 -12.04 18.88
CA VAL A 242 -12.24 -12.85 19.45
C VAL A 242 -13.17 -13.31 18.33
N PRO A 243 -14.01 -14.33 18.60
CA PRO A 243 -14.92 -14.77 17.53
C PRO A 243 -15.91 -13.70 17.11
N ALA A 244 -16.34 -13.77 15.85
CA ALA A 244 -17.23 -12.77 15.31
C ALA A 244 -17.81 -13.29 14.00
N ALA A 245 -19.00 -12.77 13.69
CA ALA A 245 -19.66 -13.12 12.45
C ALA A 245 -19.22 -12.18 11.35
N GLU A 246 -19.45 -12.60 10.11
CA GLU A 246 -19.39 -11.67 8.98
C GLU A 246 -20.75 -11.73 8.31
N HIS A 247 -20.99 -10.90 7.30
CA HIS A 247 -22.32 -10.92 6.69
C HIS A 247 -22.66 -12.30 6.15
N SER A 248 -21.69 -13.01 5.59
CA SER A 248 -21.99 -14.30 4.99
C SER A 248 -22.52 -15.30 6.03
N THR A 249 -22.05 -15.24 7.27
CA THR A 249 -22.55 -16.19 8.27
C THR A 249 -23.93 -15.83 8.81
N ILE A 250 -24.39 -14.61 8.54
CA ILE A 250 -25.76 -14.22 8.86
C ILE A 250 -26.64 -14.49 7.64
N THR A 251 -26.22 -13.96 6.48
CA THR A 251 -27.09 -14.03 5.31
C THR A 251 -27.29 -15.45 4.78
N ALA A 252 -26.33 -16.33 5.05
CA ALA A 252 -26.46 -17.74 4.65
C ALA A 252 -27.72 -18.43 5.19
N TRP A 253 -28.28 -17.90 6.27
CA TRP A 253 -29.47 -18.48 6.91
C TRP A 253 -30.73 -18.11 6.16
N GLY A 254 -30.62 -17.16 5.24
CA GLY A 254 -31.79 -16.67 4.54
C GLY A 254 -32.35 -15.42 5.17
N LYS A 255 -32.95 -14.58 4.33
CA LYS A 255 -33.48 -13.30 4.75
C LYS A 255 -34.46 -13.36 5.92
N ASP A 256 -35.23 -14.44 6.02
CA ASP A 256 -36.25 -14.53 7.07
C ASP A 256 -35.72 -15.13 8.37
N HIS A 257 -34.44 -15.44 8.39
CA HIS A 257 -33.88 -16.20 9.50
C HIS A 257 -32.68 -15.54 10.17
N GLU A 258 -32.63 -14.21 10.09
CA GLU A 258 -31.58 -13.46 10.78
C GLU A 258 -31.56 -13.78 12.28
N LYS A 259 -32.74 -13.86 12.89
CA LYS A 259 -32.83 -14.17 14.32
C LYS A 259 -32.22 -15.54 14.63
N ASP A 260 -32.52 -16.52 13.78
CA ASP A 260 -31.94 -17.86 13.92
C ASP A 260 -30.42 -17.80 13.84
N ALA A 261 -29.92 -16.97 12.94
CA ALA A 261 -28.47 -16.85 12.77
C ALA A 261 -27.87 -16.28 14.05
N PHE A 262 -28.43 -15.16 14.50
CA PHE A 262 -27.96 -14.51 15.73
C PHE A 262 -27.97 -15.49 16.91
N GLU A 263 -29.08 -16.19 17.07
CA GLU A 263 -29.20 -17.13 18.19
C GLU A 263 -28.15 -18.24 18.12
N HIS A 264 -27.98 -18.82 16.92
CA HIS A 264 -27.00 -19.88 16.75
C HIS A 264 -25.62 -19.36 17.12
N ILE A 265 -25.29 -18.17 16.63
CA ILE A 265 -23.94 -17.67 16.83
C ILE A 265 -23.62 -17.32 18.29
N VAL A 266 -24.53 -16.64 18.97
CA VAL A 266 -24.22 -16.27 20.36
C VAL A 266 -24.22 -17.50 21.27
N THR A 267 -24.95 -18.54 20.87
CA THR A 267 -25.00 -19.76 21.66
C THR A 267 -23.74 -20.62 21.44
N GLN A 268 -23.25 -20.63 20.20
CA GLN A 268 -21.97 -21.27 19.90
C GLN A 268 -20.84 -20.62 20.69
N PHE A 269 -20.91 -19.30 20.85
CA PHE A 269 -19.84 -18.58 21.54
C PHE A 269 -20.44 -17.94 22.79
N SER A 270 -20.95 -18.78 23.69
CA SER A 270 -21.69 -18.32 24.87
C SER A 270 -20.79 -17.81 25.98
N SER A 271 -19.53 -18.22 26.00
CA SER A 271 -18.66 -17.97 27.13
C SER A 271 -17.40 -17.21 26.79
N VAL A 272 -17.36 -16.67 25.57
CA VAL A 272 -16.27 -15.80 25.15
C VAL A 272 -16.94 -14.56 24.55
N PRO A 273 -16.19 -13.45 24.39
CA PRO A 273 -16.80 -12.30 23.70
C PRO A 273 -17.13 -12.69 22.27
N VAL A 274 -18.21 -12.15 21.72
CA VAL A 274 -18.52 -12.44 20.34
C VAL A 274 -19.10 -11.18 19.72
N SER A 275 -18.63 -10.83 18.53
CA SER A 275 -19.19 -9.68 17.84
C SER A 275 -20.08 -10.16 16.71
N VAL A 276 -21.25 -9.56 16.57
CA VAL A 276 -22.18 -9.98 15.52
C VAL A 276 -22.61 -8.80 14.68
N VAL A 277 -22.26 -8.86 13.39
CA VAL A 277 -22.63 -7.82 12.46
C VAL A 277 -24.16 -7.82 12.29
N SER A 278 -24.76 -6.65 12.45
CA SER A 278 -26.20 -6.60 12.70
C SER A 278 -26.96 -5.78 11.67
N ASP A 279 -26.28 -5.37 10.59
CA ASP A 279 -26.90 -4.46 9.63
C ASP A 279 -27.18 -5.11 8.27
N SER A 280 -27.24 -6.45 8.21
CA SER A 280 -27.46 -7.13 6.93
C SER A 280 -28.71 -6.65 6.22
N TYR A 281 -29.77 -6.40 7.00
CA TYR A 281 -31.02 -5.95 6.43
C TYR A 281 -31.55 -4.66 7.03
N ASP A 282 -31.52 -4.57 8.36
CA ASP A 282 -32.02 -3.39 9.06
C ASP A 282 -31.42 -3.41 10.44
N ILE A 283 -30.34 -2.67 10.59
CA ILE A 283 -29.63 -2.53 11.86
C ILE A 283 -30.51 -2.09 13.02
N TYR A 284 -31.43 -1.17 12.75
CA TYR A 284 -32.28 -0.62 13.80
C TYR A 284 -33.30 -1.64 14.31
N ASN A 285 -33.91 -2.36 13.38
CA ASN A 285 -34.74 -3.50 13.71
C ASN A 285 -33.97 -4.57 14.46
N ALA A 286 -32.75 -4.87 14.01
CA ALA A 286 -31.96 -5.91 14.67
C ALA A 286 -31.68 -5.55 16.11
N CYS A 287 -31.34 -4.29 16.35
CA CYS A 287 -31.06 -3.85 17.71
C CYS A 287 -32.31 -3.83 18.59
N GLU A 288 -33.37 -3.25 18.08
CA GLU A 288 -34.53 -3.00 18.91
C GLU A 288 -35.37 -4.26 19.08
N LYS A 289 -35.61 -4.96 17.97
CA LYS A 289 -36.51 -6.11 17.99
C LYS A 289 -35.82 -7.45 18.18
N ILE A 290 -34.73 -7.72 17.47
CA ILE A 290 -34.11 -9.02 17.59
C ILE A 290 -33.28 -9.14 18.88
N TRP A 291 -32.25 -8.31 19.01
CA TRP A 291 -31.45 -8.30 20.23
C TRP A 291 -32.25 -7.78 21.43
N GLY A 292 -33.00 -6.72 21.23
CA GLY A 292 -33.61 -6.02 22.34
C GLY A 292 -34.90 -6.62 22.85
N GLU A 293 -35.46 -7.54 22.07
CA GLU A 293 -36.69 -8.25 22.46
C GLU A 293 -36.58 -9.76 22.31
N ASP A 294 -36.52 -10.25 21.07
CA ASP A 294 -36.57 -11.69 20.80
C ASP A 294 -35.47 -12.49 21.49
N LEU A 295 -34.23 -11.97 21.45
CA LEU A 295 -33.09 -12.72 21.96
C LEU A 295 -32.48 -12.10 23.21
N ARG A 296 -33.18 -11.12 23.78
CA ARG A 296 -32.68 -10.38 24.95
C ARG A 296 -32.26 -11.30 26.08
N HIS A 297 -32.99 -12.39 26.25
CA HIS A 297 -32.71 -13.35 27.34
C HIS A 297 -31.38 -14.07 27.18
N LEU A 298 -30.89 -14.13 25.95
CA LEU A 298 -29.58 -14.72 25.67
C LEU A 298 -28.46 -13.72 25.85
N ILE A 299 -28.81 -12.43 25.94
CA ILE A 299 -27.81 -11.39 26.07
C ILE A 299 -27.61 -11.02 27.55
N VAL A 300 -28.70 -10.80 28.27
CA VAL A 300 -28.59 -10.37 29.67
C VAL A 300 -28.04 -11.46 30.61
N SER A 301 -27.94 -12.69 30.10
CA SER A 301 -27.40 -13.80 30.87
C SER A 301 -25.88 -13.94 30.71
N ARG A 302 -25.29 -13.12 29.84
CA ARG A 302 -23.88 -13.30 29.52
C ARG A 302 -22.92 -12.75 30.59
N SER A 303 -21.75 -13.38 30.68
CA SER A 303 -20.68 -12.92 31.56
C SER A 303 -20.10 -11.56 31.15
N THR A 304 -19.57 -10.83 32.11
CA THR A 304 -18.84 -9.60 31.84
C THR A 304 -17.58 -9.86 31.02
N GLN A 305 -17.05 -11.08 31.12
CA GLN A 305 -15.87 -11.47 30.35
C GLN A 305 -16.25 -12.00 28.96
N ALA A 306 -17.55 -12.05 28.69
CA ALA A 306 -18.05 -12.57 27.41
C ALA A 306 -19.21 -11.76 26.85
N PRO A 307 -19.01 -10.45 26.66
CA PRO A 307 -20.13 -9.65 26.17
C PRO A 307 -20.51 -9.96 24.72
N LEU A 308 -21.74 -9.64 24.34
CA LEU A 308 -22.08 -9.50 22.94
C LEU A 308 -21.62 -8.12 22.47
N ILE A 309 -20.88 -8.07 21.37
CA ILE A 309 -20.50 -6.79 20.77
C ILE A 309 -21.30 -6.65 19.48
N ILE A 310 -22.24 -5.71 19.48
CA ILE A 310 -23.05 -5.47 18.28
C ILE A 310 -22.27 -4.62 17.29
N ARG A 311 -22.27 -5.03 16.02
CA ARG A 311 -21.54 -4.29 14.99
C ARG A 311 -22.45 -3.74 13.90
N PRO A 312 -22.68 -2.43 13.93
CA PRO A 312 -23.29 -1.77 12.77
C PRO A 312 -22.21 -1.69 11.70
N ASP A 313 -22.57 -1.53 10.43
CA ASP A 313 -21.55 -1.55 9.38
C ASP A 313 -21.92 -0.72 8.16
N SER A 314 -22.85 0.20 8.32
CA SER A 314 -23.34 0.99 7.19
C SER A 314 -24.09 2.22 7.68
N GLY A 315 -24.31 3.18 6.79
CA GLY A 315 -24.92 4.44 7.15
C GLY A 315 -23.88 5.45 7.61
N ASN A 316 -24.33 6.65 7.94
CA ASN A 316 -23.40 7.64 8.48
C ASN A 316 -22.86 7.08 9.81
N PRO A 317 -21.53 7.01 9.97
CA PRO A 317 -20.96 6.36 11.16
C PRO A 317 -21.40 6.99 12.47
N LEU A 318 -21.37 8.32 12.58
CA LEU A 318 -21.75 8.96 13.83
C LEU A 318 -23.24 8.78 14.05
N ASP A 319 -24.04 9.08 13.02
CA ASP A 319 -25.49 9.00 13.19
C ASP A 319 -25.92 7.59 13.59
N THR A 320 -25.27 6.60 12.97
CA THR A 320 -25.64 5.21 13.22
C THR A 320 -25.23 4.77 14.62
N VAL A 321 -24.00 5.08 15.02
CA VAL A 321 -23.56 4.78 16.38
C VAL A 321 -24.53 5.36 17.42
N LEU A 322 -24.88 6.64 17.26
CA LEU A 322 -25.76 7.29 18.23
C LEU A 322 -27.14 6.66 18.28
N LYS A 323 -27.68 6.30 17.12
CA LYS A 323 -29.00 5.68 17.09
C LYS A 323 -28.96 4.28 17.66
N VAL A 324 -27.88 3.54 17.38
CA VAL A 324 -27.73 2.20 17.97
C VAL A 324 -27.68 2.30 19.48
N LEU A 325 -26.90 3.25 19.98
CA LEU A 325 -26.82 3.41 21.44
C LEU A 325 -28.17 3.81 22.04
N GLU A 326 -28.91 4.71 21.37
CA GLU A 326 -30.22 5.15 21.86
C GLU A 326 -31.19 3.95 21.92
N ILE A 327 -31.17 3.12 20.88
CA ILE A 327 -32.03 1.94 20.85
C ILE A 327 -31.69 1.00 22.00
N LEU A 328 -30.40 0.69 22.13
CA LEU A 328 -29.95 -0.24 23.15
C LEU A 328 -30.20 0.29 24.56
N GLY A 329 -30.08 1.59 24.72
CA GLY A 329 -30.24 2.23 26.00
C GLY A 329 -31.69 2.15 26.48
N LYS A 330 -32.61 1.91 25.54
CA LYS A 330 -34.02 1.82 25.91
C LYS A 330 -34.47 0.38 26.11
N LYS A 331 -33.69 -0.57 25.59
CA LYS A 331 -34.03 -1.97 25.74
C LYS A 331 -33.21 -2.68 26.82
N PHE A 332 -32.10 -2.07 27.24
CA PHE A 332 -31.23 -2.68 28.25
C PHE A 332 -31.00 -1.70 29.41
N PRO A 333 -30.66 -2.24 30.59
CA PRO A 333 -30.45 -1.37 31.75
C PRO A 333 -29.16 -0.56 31.65
N VAL A 334 -29.31 0.75 31.52
CA VAL A 334 -28.18 1.66 31.40
C VAL A 334 -27.89 2.28 32.75
N THR A 335 -26.61 2.40 33.09
CA THR A 335 -26.25 3.09 34.32
C THR A 335 -25.60 4.42 33.97
N GLU A 336 -25.39 5.26 34.98
CA GLU A 336 -24.64 6.48 34.78
C GLU A 336 -23.38 6.37 35.60
N ASN A 337 -22.22 6.51 34.96
CA ASN A 337 -20.97 6.33 35.69
C ASN A 337 -20.63 7.56 36.52
N SER A 338 -19.47 7.53 37.18
CA SER A 338 -19.17 8.58 38.15
C SER A 338 -18.87 9.91 37.48
N LYS A 339 -18.63 9.88 36.16
CA LYS A 339 -18.38 11.09 35.40
C LYS A 339 -19.65 11.68 34.81
N GLY A 340 -20.78 10.98 34.99
CA GLY A 340 -22.07 11.44 34.50
C GLY A 340 -22.44 10.90 33.12
N TYR A 341 -21.69 9.92 32.63
CA TYR A 341 -21.90 9.41 31.28
C TYR A 341 -22.65 8.07 31.30
N LYS A 342 -23.45 7.84 30.27
CA LYS A 342 -24.25 6.62 30.18
C LYS A 342 -23.40 5.41 29.82
N LEU A 343 -23.71 4.28 30.46
CA LEU A 343 -22.94 3.08 30.31
C LEU A 343 -23.87 1.89 30.14
N LEU A 344 -23.72 1.17 29.03
CA LEU A 344 -24.47 -0.05 28.78
C LEU A 344 -24.06 -1.08 29.82
N PRO A 345 -24.92 -2.07 30.07
CA PRO A 345 -24.52 -3.15 30.97
C PRO A 345 -23.29 -3.89 30.43
N PRO A 346 -22.52 -4.51 31.32
CA PRO A 346 -21.21 -5.05 30.92
C PRO A 346 -21.24 -6.21 29.92
N TYR A 347 -22.39 -6.81 29.70
CA TYR A 347 -22.52 -7.93 28.77
C TYR A 347 -22.82 -7.41 27.35
N LEU A 348 -22.81 -6.10 27.16
CA LEU A 348 -23.22 -5.52 25.88
C LEU A 348 -22.35 -4.34 25.49
N ARG A 349 -21.75 -4.43 24.30
CA ARG A 349 -20.90 -3.36 23.79
C ARG A 349 -21.16 -3.18 22.31
N VAL A 350 -20.57 -2.14 21.73
CA VAL A 350 -20.72 -1.87 20.30
C VAL A 350 -19.33 -1.76 19.65
N ILE A 351 -19.19 -2.19 18.39
CA ILE A 351 -17.98 -1.86 17.62
C ILE A 351 -18.37 -1.22 16.29
N GLN A 352 -17.81 -0.06 15.98
CA GLN A 352 -18.07 0.57 14.68
C GLN A 352 -16.81 0.36 13.86
N GLY A 353 -16.97 -0.38 12.76
CA GLY A 353 -15.84 -0.74 11.93
C GLY A 353 -16.06 -0.45 10.46
N ASP A 354 -16.92 0.51 10.15
CA ASP A 354 -17.15 1.00 8.79
C ASP A 354 -16.82 2.47 8.71
N GLY A 355 -16.06 2.85 7.70
CA GLY A 355 -15.76 4.25 7.49
C GLY A 355 -14.90 4.91 8.55
N VAL A 356 -14.19 4.12 9.34
CA VAL A 356 -13.34 4.66 10.38
C VAL A 356 -11.94 5.05 9.90
N ASP A 357 -11.64 6.33 10.03
CA ASP A 357 -10.25 6.83 9.92
C ASP A 357 -10.00 7.82 11.04
N ILE A 358 -8.83 8.46 11.07
CA ILE A 358 -8.55 9.34 12.21
C ILE A 358 -9.58 10.47 12.33
N ASN A 359 -10.08 10.95 11.20
CA ASN A 359 -11.02 12.06 11.27
C ASN A 359 -12.40 11.62 11.76
N THR A 360 -12.92 10.54 11.21
CA THR A 360 -14.24 10.08 11.62
C THR A 360 -14.21 9.52 13.05
N LEU A 361 -13.08 8.96 13.47
CA LEU A 361 -12.95 8.49 14.84
C LEU A 361 -13.17 9.65 15.81
N GLN A 362 -12.49 10.75 15.52
CA GLN A 362 -12.66 11.97 16.31
C GLN A 362 -14.12 12.44 16.31
N GLU A 363 -14.75 12.43 15.13
CA GLU A 363 -16.14 12.88 15.04
C GLU A 363 -17.06 11.99 15.87
N ILE A 364 -16.78 10.69 15.87
CA ILE A 364 -17.66 9.78 16.58
C ILE A 364 -17.51 9.96 18.09
N VAL A 365 -16.28 9.99 18.59
CA VAL A 365 -16.13 10.07 20.06
C VAL A 365 -16.64 11.42 20.58
N GLU A 366 -16.43 12.48 19.80
CA GLU A 366 -16.95 13.79 20.19
C GLU A 366 -18.47 13.79 20.19
N GLY A 367 -19.07 13.13 19.20
CA GLY A 367 -20.52 13.08 19.13
C GLY A 367 -21.10 12.28 20.28
N MET A 368 -20.44 11.19 20.63
CA MET A 368 -20.84 10.40 21.81
C MET A 368 -20.75 11.21 23.08
N LYS A 369 -19.65 11.95 23.23
CA LYS A 369 -19.49 12.79 24.41
C LYS A 369 -20.63 13.80 24.50
N GLN A 370 -20.98 14.44 23.38
CA GLN A 370 -22.05 15.46 23.40
C GLN A 370 -23.38 14.85 23.82
N LYS A 371 -23.60 13.60 23.46
CA LYS A 371 -24.83 12.90 23.81
C LYS A 371 -24.71 12.11 25.12
N MET A 372 -23.65 12.38 25.87
CA MET A 372 -23.43 11.80 27.21
C MET A 372 -23.26 10.29 27.22
N TRP A 373 -22.70 9.74 26.15
CA TRP A 373 -22.37 8.32 26.11
C TRP A 373 -20.89 8.09 26.43
N SER A 374 -20.61 7.20 27.36
CA SER A 374 -19.21 6.89 27.67
C SER A 374 -18.51 6.19 26.50
N ILE A 375 -17.24 6.51 26.29
CA ILE A 375 -16.44 5.79 25.30
C ILE A 375 -16.17 4.35 25.75
N GLU A 376 -16.47 4.02 27.02
CA GLU A 376 -16.41 2.63 27.48
C GLU A 376 -17.32 1.72 26.65
N ASN A 377 -18.40 2.30 26.12
CA ASN A 377 -19.39 1.52 25.35
C ASN A 377 -18.93 1.02 24.00
N ILE A 378 -17.90 1.63 23.46
CA ILE A 378 -17.61 1.40 22.05
C ILE A 378 -16.14 1.07 21.81
N ALA A 379 -15.89 0.30 20.75
CA ALA A 379 -14.58 0.12 20.19
C ALA A 379 -14.68 0.43 18.71
N PHE A 380 -13.52 0.62 18.08
CA PHE A 380 -13.50 0.91 16.65
C PHE A 380 -12.71 -0.11 15.87
N GLY A 381 -13.18 -0.43 14.68
CA GLY A 381 -12.40 -1.25 13.77
C GLY A 381 -12.05 -0.36 12.59
N SER A 382 -10.83 -0.49 12.10
CA SER A 382 -10.40 0.33 10.96
C SER A 382 -9.55 -0.53 10.03
N GLY A 383 -9.83 -0.43 8.74
CA GLY A 383 -9.16 -1.25 7.75
C GLY A 383 -8.32 -0.42 6.83
N GLY A 384 -8.90 -0.02 5.70
CA GLY A 384 -8.20 0.85 4.77
C GLY A 384 -7.70 2.14 5.39
N GLY A 385 -8.52 2.73 6.27
CA GLY A 385 -8.09 3.94 6.96
C GLY A 385 -6.85 3.78 7.80
N LEU A 386 -6.68 2.58 8.37
CA LEU A 386 -5.58 2.31 9.28
C LEU A 386 -4.31 1.91 8.53
N LEU A 387 -4.48 1.13 7.46
CA LEU A 387 -3.32 0.50 6.83
C LEU A 387 -3.06 0.87 5.36
N GLN A 388 -4.05 1.46 4.68
CA GLN A 388 -3.87 1.69 3.24
C GLN A 388 -3.93 3.15 2.83
N LYS A 389 -4.84 3.90 3.46
CA LYS A 389 -5.06 5.31 3.08
C LYS A 389 -4.00 6.23 3.74
N LEU A 390 -2.74 5.99 3.38
CA LEU A 390 -1.59 6.71 3.89
C LEU A 390 -0.58 6.77 2.75
N THR A 391 0.14 7.90 2.64
CA THR A 391 1.20 8.00 1.66
C THR A 391 2.43 8.58 2.31
N ARG A 392 3.52 8.56 1.55
CA ARG A 392 4.80 9.08 2.00
C ARG A 392 4.75 10.60 2.23
N ASP A 393 3.77 11.27 1.61
CA ASP A 393 3.58 12.71 1.78
C ASP A 393 3.02 13.11 3.14
N LEU A 394 2.39 12.18 3.86
CA LEU A 394 1.72 12.55 5.11
C LEU A 394 2.72 13.12 6.11
N LEU A 395 3.88 12.48 6.22
CA LEU A 395 4.91 12.94 7.14
C LEU A 395 6.13 13.42 6.38
N ASN A 396 6.01 13.55 5.06
CA ASN A 396 7.15 13.94 4.21
C ASN A 396 8.41 13.14 4.50
N CYS A 397 8.26 11.83 4.52
CA CYS A 397 9.39 10.91 4.71
C CYS A 397 10.34 10.96 3.53
N SER A 398 11.60 11.27 3.79
CA SER A 398 12.49 11.64 2.69
C SER A 398 13.94 11.33 3.02
N PHE A 399 14.70 10.93 2.01
CA PHE A 399 16.09 10.52 2.14
C PHE A 399 16.92 11.44 1.26
N LYS A 400 17.96 12.07 1.81
CA LYS A 400 18.78 13.02 1.06
C LYS A 400 20.25 12.91 1.42
N CYS A 401 21.09 13.18 0.44
CA CYS A 401 22.53 13.27 0.69
C CYS A 401 22.88 14.61 1.31
N SER A 402 23.60 14.59 2.43
CA SER A 402 23.99 15.82 3.13
C SER A 402 25.50 16.04 3.19
N TYR A 403 26.29 15.02 2.85
CA TYR A 403 27.74 15.16 3.00
C TYR A 403 28.45 14.23 2.05
N VAL A 404 29.50 14.74 1.41
CA VAL A 404 30.34 13.91 0.56
C VAL A 404 31.78 14.25 0.82
N VAL A 405 32.67 13.31 0.56
CA VAL A 405 34.09 13.61 0.58
C VAL A 405 34.62 13.44 -0.85
N THR A 406 35.25 14.48 -1.39
CA THR A 406 35.75 14.46 -2.75
C THR A 406 37.18 15.02 -2.68
N ASN A 407 38.12 14.30 -3.29
CA ASN A 407 39.54 14.66 -3.18
C ASN A 407 40.01 14.83 -1.75
N GLY A 408 39.49 13.97 -0.87
CA GLY A 408 39.84 13.99 0.52
C GLY A 408 39.27 15.14 1.35
N LEU A 409 38.47 15.99 0.73
CA LEU A 409 37.83 17.08 1.46
C LEU A 409 36.31 16.87 1.62
N GLY A 410 35.83 16.99 2.85
CA GLY A 410 34.39 16.88 3.09
C GLY A 410 33.69 18.15 2.67
N ILE A 411 32.53 18.02 2.01
CA ILE A 411 31.72 19.19 1.71
C ILE A 411 30.27 18.93 2.09
N ASN A 412 29.63 19.97 2.58
CA ASN A 412 28.27 19.89 3.07
C ASN A 412 27.35 20.19 1.90
N VAL A 413 26.48 19.26 1.60
CA VAL A 413 25.65 19.39 0.42
C VAL A 413 24.18 19.29 0.76
N PHE A 414 23.34 19.78 -0.14
CA PHE A 414 21.92 19.96 0.16
C PHE A 414 21.21 20.45 -1.11
N LYS A 415 19.89 20.31 -1.11
CA LYS A 415 19.02 20.96 -2.10
C LYS A 415 18.27 22.09 -1.41
N ASP A 416 17.84 23.08 -2.21
CA ASP A 416 17.11 24.22 -1.66
C ASP A 416 16.34 24.87 -2.80
N PRO A 417 15.27 24.21 -3.28
CA PRO A 417 14.59 24.70 -4.48
C PRO A 417 13.97 26.06 -4.25
N VAL A 418 14.17 26.96 -5.21
CA VAL A 418 13.75 28.36 -5.05
C VAL A 418 12.25 28.50 -4.76
N ALA A 419 11.44 27.66 -5.39
CA ALA A 419 10.00 27.80 -5.29
C ALA A 419 9.39 27.00 -4.16
N ASP A 420 10.21 26.23 -3.44
CA ASP A 420 9.71 25.45 -2.31
C ASP A 420 10.70 25.26 -1.16
N PRO A 421 10.74 26.24 -0.24
CA PRO A 421 11.61 26.17 0.95
C PRO A 421 11.32 24.94 1.81
N ASN A 422 10.12 24.37 1.72
CA ASN A 422 9.78 23.17 2.47
C ASN A 422 10.59 21.95 2.05
N LYS A 423 11.19 22.01 0.87
CA LYS A 423 11.99 20.90 0.36
C LYS A 423 13.47 21.09 0.59
N ARG A 424 13.87 22.17 1.27
CA ARG A 424 15.27 22.37 1.65
C ARG A 424 15.72 21.19 2.51
N SER A 425 16.92 20.67 2.23
CA SER A 425 17.42 19.56 3.02
C SER A 425 18.57 20.02 3.92
N LYS A 426 18.93 19.18 4.88
CA LYS A 426 19.96 19.50 5.88
C LYS A 426 21.38 19.39 5.33
N LYS A 427 22.31 20.09 5.96
CA LYS A 427 23.70 20.19 5.49
C LYS A 427 24.68 19.45 6.38
N GLY A 428 25.56 18.66 5.77
CA GLY A 428 26.69 18.08 6.47
C GLY A 428 26.41 16.84 7.30
N ARG A 429 27.36 16.50 8.16
CA ARG A 429 27.21 15.38 9.05
C ARG A 429 26.22 15.72 10.18
N LEU A 430 25.32 14.78 10.45
CA LEU A 430 24.19 15.03 11.33
C LEU A 430 24.28 14.22 12.62
N SER A 431 23.67 14.74 13.66
CA SER A 431 23.52 13.98 14.90
C SER A 431 22.26 14.45 15.60
N LEU A 432 21.68 13.59 16.44
CA LEU A 432 20.43 13.90 17.13
C LEU A 432 20.72 13.96 18.64
N HIS A 433 20.19 14.97 19.31
CA HIS A 433 20.51 15.21 20.72
C HIS A 433 19.31 15.65 21.52
N ARG A 434 19.38 15.47 22.83
CA ARG A 434 18.42 16.07 23.73
C ARG A 434 18.83 17.50 23.96
N THR A 435 17.84 18.39 24.01
CA THR A 435 18.09 19.79 24.37
C THR A 435 18.12 19.94 25.89
N PRO A 436 18.58 21.10 26.38
CA PRO A 436 18.55 21.28 27.84
C PRO A 436 17.15 21.14 28.43
N ALA A 437 16.12 21.51 27.68
CA ALA A 437 14.75 21.38 28.15
C ALA A 437 14.16 19.99 27.92
N GLY A 438 14.98 19.08 27.38
CA GLY A 438 14.56 17.71 27.18
C GLY A 438 13.84 17.44 25.87
N ASN A 439 13.92 18.38 24.94
CA ASN A 439 13.35 18.17 23.60
C ASN A 439 14.42 17.56 22.69
N PHE A 440 14.17 17.57 21.39
CA PHE A 440 15.16 17.03 20.44
C PHE A 440 15.71 18.12 19.56
N VAL A 441 16.97 17.98 19.15
CA VAL A 441 17.55 18.87 18.15
C VAL A 441 18.45 18.08 17.22
N THR A 442 18.40 18.41 15.93
CA THR A 442 19.33 17.82 14.97
C THR A 442 20.42 18.83 14.68
N LEU A 443 21.66 18.45 14.99
CA LEU A 443 22.80 19.30 14.69
C LEU A 443 23.37 18.99 13.30
N GLU A 444 23.60 20.03 12.53
CA GLU A 444 24.11 19.91 11.16
C GLU A 444 25.59 20.28 11.10
N GLU A 445 26.21 20.01 9.94
CA GLU A 445 27.57 20.48 9.64
C GLU A 445 28.58 19.93 10.63
N GLY A 446 28.28 18.76 11.18
CA GLY A 446 29.21 18.07 12.06
C GLY A 446 29.33 18.72 13.41
N LYS A 447 28.44 19.66 13.71
CA LYS A 447 28.47 20.36 15.01
C LYS A 447 28.30 19.47 16.25
N GLY A 448 27.73 18.28 16.09
CA GLY A 448 27.67 17.34 17.20
C GLY A 448 29.05 17.04 17.77
N ASP A 449 30.08 17.19 16.94
CA ASP A 449 31.47 16.91 17.34
C ASP A 449 31.98 17.89 18.39
N LEU A 450 31.33 19.05 18.49
CA LEU A 450 31.69 20.05 19.50
C LEU A 450 31.33 19.59 20.90
N GLU A 451 30.43 18.60 21.01
CA GLU A 451 30.04 18.00 22.28
C GLU A 451 29.41 19.00 23.27
N GLU A 452 28.65 19.94 22.74
CA GLU A 452 27.96 20.91 23.58
C GLU A 452 26.59 20.37 23.96
N TYR A 453 26.19 19.27 23.33
CA TYR A 453 24.83 18.78 23.49
C TYR A 453 24.70 17.34 23.92
N GLY A 454 25.68 16.82 24.66
CA GLY A 454 25.54 15.46 25.15
C GLY A 454 25.57 14.45 24.03
N GLN A 455 25.16 13.22 24.33
CA GLN A 455 25.41 12.10 23.44
C GLN A 455 24.48 12.08 22.23
N ASP A 456 25.04 11.67 21.08
CA ASP A 456 24.25 11.44 19.88
C ASP A 456 23.27 10.32 20.18
N LEU A 457 22.00 10.53 19.86
CA LEU A 457 20.97 9.52 20.09
C LEU A 457 20.86 8.51 18.95
N LEU A 458 21.54 8.77 17.83
CA LEU A 458 21.63 7.78 16.76
C LEU A 458 22.64 6.70 17.18
N HIS A 459 22.24 5.43 17.03
CA HIS A 459 23.11 4.30 17.32
C HIS A 459 23.39 3.48 16.06
N THR A 460 24.60 2.94 15.92
CA THR A 460 24.88 2.05 14.79
C THR A 460 24.00 0.80 14.89
N VAL A 461 23.14 0.61 13.88
CA VAL A 461 22.29 -0.56 13.82
C VAL A 461 22.70 -1.54 12.71
N PHE A 462 23.50 -1.05 11.77
CA PHE A 462 23.95 -1.92 10.67
C PHE A 462 25.36 -1.50 10.32
N LYS A 463 26.25 -2.47 10.18
CA LYS A 463 27.60 -2.17 9.70
C LYS A 463 28.18 -3.34 8.95
N ASN A 464 28.54 -3.09 7.69
CA ASN A 464 29.28 -4.08 6.91
C ASN A 464 28.58 -5.44 6.87
N GLY A 465 27.26 -5.39 6.71
CA GLY A 465 26.49 -6.59 6.49
C GLY A 465 25.94 -7.23 7.75
N LYS A 466 26.23 -6.65 8.91
CA LYS A 466 25.77 -7.19 10.17
C LYS A 466 24.80 -6.24 10.84
N VAL A 467 23.72 -6.79 11.39
CA VAL A 467 22.85 -6.01 12.26
C VAL A 467 23.49 -5.94 13.65
N THR A 468 23.83 -4.73 14.07
CA THR A 468 24.68 -4.52 15.25
C THR A 468 23.94 -4.15 16.52
N LYS A 469 22.68 -3.70 16.37
CA LYS A 469 21.85 -3.34 17.51
C LYS A 469 20.40 -3.63 17.13
N SER A 470 19.70 -4.35 18.00
CA SER A 470 18.32 -4.76 17.77
C SER A 470 17.45 -4.40 18.97
N TYR A 471 16.15 -4.27 18.71
CA TYR A 471 15.17 -3.94 19.73
C TYR A 471 14.07 -4.98 19.74
N SER A 472 13.58 -5.32 20.93
CA SER A 472 12.44 -6.22 20.99
C SER A 472 11.17 -5.43 20.77
N PHE A 473 10.08 -6.11 20.46
CA PHE A 473 8.81 -5.42 20.29
C PHE A 473 8.33 -4.80 21.60
N ASP A 474 8.65 -5.45 22.73
CA ASP A 474 8.35 -4.89 24.03
C ASP A 474 9.03 -3.54 24.29
N GLU A 475 10.30 -3.43 23.90
CA GLU A 475 11.03 -2.19 24.07
C GLU A 475 10.45 -1.10 23.20
N ILE A 476 10.10 -1.46 21.97
CA ILE A 476 9.49 -0.52 21.04
C ILE A 476 8.16 0.01 21.59
N ARG A 477 7.32 -0.89 22.07
CA ARG A 477 6.08 -0.49 22.70
C ARG A 477 6.30 0.47 23.88
N LYS A 478 7.31 0.19 24.68
CA LYS A 478 7.62 1.06 25.82
C LYS A 478 8.01 2.45 25.34
N ASN A 479 8.89 2.50 24.33
CA ASN A 479 9.32 3.78 23.80
C ASN A 479 8.18 4.59 23.21
N ALA A 480 7.19 3.90 22.64
CA ALA A 480 6.08 4.57 21.97
C ALA A 480 4.89 4.93 22.84
N GLN A 481 4.98 4.71 24.15
CA GLN A 481 3.87 5.03 25.03
C GLN A 481 3.43 6.47 24.96
N LEU A 482 2.15 6.70 25.23
CA LEU A 482 1.64 8.07 25.30
C LEU A 482 2.07 8.72 26.60
N ASN A 483 2.15 10.05 26.60
CA ASN A 483 2.38 10.77 27.85
C ASN A 483 1.30 10.46 28.89
N ILE A 484 0.06 10.48 28.44
CA ILE A 484 -1.10 10.25 29.32
C ILE A 484 -1.02 8.87 29.97
N GLU A 485 -0.42 7.92 29.28
CA GLU A 485 -0.17 6.58 29.83
C GLU A 485 0.95 6.68 30.86
N LEU A 486 1.99 7.41 30.51
CA LEU A 486 3.10 7.66 31.42
C LEU A 486 2.61 8.40 32.67
N GLU A 487 1.73 9.39 32.47
CA GLU A 487 1.16 10.16 33.59
C GLU A 487 0.30 9.28 34.48
N ALA A 488 -0.48 8.39 33.86
CA ALA A 488 -1.30 7.45 34.61
C ALA A 488 -0.45 6.37 35.29
N ALA A 489 0.87 6.54 35.22
CA ALA A 489 1.83 5.61 35.81
C ALA A 489 1.69 4.20 35.26
N GLU B 8 8.10 -18.97 5.51
CA GLU B 8 7.30 -19.45 4.40
C GLU B 8 5.82 -19.09 4.57
N PHE B 9 5.14 -18.87 3.45
CA PHE B 9 3.73 -18.47 3.47
C PHE B 9 2.85 -19.64 3.90
N ASN B 10 1.84 -19.34 4.72
CA ASN B 10 0.94 -20.33 5.25
C ASN B 10 -0.49 -19.83 5.09
N ILE B 11 -1.22 -20.42 4.15
CA ILE B 11 -2.59 -20.00 3.86
C ILE B 11 -3.54 -20.08 5.07
N LEU B 12 -3.23 -20.97 6.01
CA LEU B 12 -4.00 -21.05 7.24
C LEU B 12 -3.82 -19.82 8.14
N LEU B 13 -2.77 -19.03 7.89
CA LEU B 13 -2.53 -17.82 8.65
C LEU B 13 -2.73 -16.59 7.77
N ALA B 14 -3.36 -16.76 6.62
CA ALA B 14 -3.49 -15.66 5.66
C ALA B 14 -4.95 -15.24 5.49
N THR B 15 -5.66 -15.17 6.61
CA THR B 15 -7.05 -14.74 6.58
C THR B 15 -7.29 -13.78 7.73
N ASP B 16 -8.40 -13.06 7.68
CA ASP B 16 -8.82 -12.25 8.82
C ASP B 16 -9.10 -13.16 10.00
N SER B 17 -8.62 -12.80 11.20
CA SER B 17 -8.79 -13.64 12.39
C SER B 17 -10.20 -14.16 12.56
N TYR B 18 -11.21 -13.29 12.43
CA TYR B 18 -12.56 -13.77 12.70
C TYR B 18 -13.01 -14.92 11.81
N LYS B 19 -12.44 -15.02 10.62
CA LYS B 19 -12.83 -16.10 9.69
C LYS B 19 -12.47 -17.49 10.24
N VAL B 20 -11.50 -17.55 11.16
CA VAL B 20 -11.14 -18.80 11.81
C VAL B 20 -12.35 -19.42 12.51
N THR B 21 -13.27 -18.56 12.95
CA THR B 21 -14.42 -19.00 13.73
C THR B 21 -15.70 -19.19 12.92
N HIS B 22 -15.64 -18.96 11.62
CA HIS B 22 -16.87 -18.96 10.82
C HIS B 22 -17.43 -20.32 10.52
N TYR B 23 -16.58 -21.35 10.48
CA TYR B 23 -17.07 -22.70 10.20
C TYR B 23 -18.18 -23.15 11.16
N LYS B 24 -18.18 -22.56 12.35
CA LYS B 24 -19.16 -22.88 13.40
C LYS B 24 -20.46 -22.09 13.27
N GLN B 25 -20.50 -21.13 12.34
CA GLN B 25 -21.59 -20.16 12.32
C GLN B 25 -22.58 -20.33 11.18
N TYR B 26 -22.18 -21.05 10.13
CA TYR B 26 -23.07 -21.28 9.00
C TYR B 26 -24.21 -22.20 9.44
N PRO B 27 -25.32 -22.19 8.70
CA PRO B 27 -26.41 -23.11 9.04
C PRO B 27 -25.94 -24.55 9.05
N PRO B 28 -26.38 -25.34 10.03
CA PRO B 28 -26.02 -26.76 9.99
C PRO B 28 -26.38 -27.41 8.65
N ASN B 29 -25.58 -28.37 8.22
CA ASN B 29 -25.79 -29.06 6.95
C ASN B 29 -25.69 -28.17 5.73
N THR B 30 -24.78 -27.20 5.78
CA THR B 30 -24.48 -26.39 4.61
C THR B 30 -23.37 -27.08 3.80
N SER B 31 -23.65 -27.34 2.53
CA SER B 31 -22.75 -28.11 1.67
C SER B 31 -22.04 -27.23 0.64
N LYS B 32 -22.57 -26.03 0.41
CA LYS B 32 -21.97 -25.14 -0.59
C LYS B 32 -22.09 -23.71 -0.13
N VAL B 33 -20.97 -22.98 -0.25
CA VAL B 33 -20.98 -21.53 -0.12
C VAL B 33 -20.38 -21.00 -1.41
N TYR B 34 -21.13 -20.13 -2.07
CA TYR B 34 -20.76 -19.57 -3.37
C TYR B 34 -20.71 -18.05 -3.22
N SER B 35 -19.59 -17.47 -3.61
CA SER B 35 -19.36 -16.04 -3.45
C SER B 35 -18.82 -15.42 -4.73
N TYR B 36 -18.87 -14.10 -4.79
CA TYR B 36 -18.42 -13.41 -6.00
C TYR B 36 -17.75 -12.08 -5.65
N PHE B 37 -16.97 -11.56 -6.60
CA PHE B 37 -16.28 -10.29 -6.44
C PHE B 37 -16.78 -9.36 -7.54
N GLU B 38 -17.07 -8.11 -7.16
CA GLU B 38 -17.38 -7.05 -8.14
C GLU B 38 -16.72 -5.75 -7.72
N CYS B 39 -16.68 -4.79 -8.64
CA CYS B 39 -16.35 -3.42 -8.28
C CYS B 39 -17.71 -2.72 -8.24
N ARG B 40 -18.26 -2.63 -7.04
CA ARG B 40 -19.67 -2.35 -6.86
C ARG B 40 -19.98 -0.95 -7.40
N GLU B 41 -21.12 -0.85 -8.06
CA GLU B 41 -21.54 0.42 -8.64
C GLU B 41 -21.92 1.38 -7.51
N LYS B 42 -21.73 2.67 -7.75
CA LYS B 42 -22.26 3.72 -6.87
C LYS B 42 -23.55 4.29 -7.45
N VAL B 52 -19.63 11.21 -12.11
CA VAL B 52 -19.20 9.85 -11.78
C VAL B 52 -18.06 9.37 -12.68
N LYS B 53 -16.91 9.12 -12.08
CA LYS B 53 -15.78 8.59 -12.83
C LYS B 53 -15.47 7.13 -12.45
N TYR B 54 -14.47 6.56 -13.10
CA TYR B 54 -14.17 5.13 -13.00
C TYR B 54 -15.37 4.28 -13.27
N GLU B 55 -15.97 4.48 -14.43
CA GLU B 55 -17.15 3.72 -14.85
C GLU B 55 -16.82 2.31 -15.30
N GLU B 56 -15.56 2.07 -15.66
CA GLU B 56 -15.14 0.75 -16.14
C GLU B 56 -13.81 0.38 -15.49
N THR B 57 -13.61 -0.91 -15.23
CA THR B 57 -12.41 -1.35 -14.56
C THR B 57 -11.63 -2.33 -15.40
N VAL B 58 -10.32 -2.32 -15.23
CA VAL B 58 -9.46 -3.29 -15.88
C VAL B 58 -9.32 -4.46 -14.91
N PHE B 59 -9.74 -5.65 -15.32
CA PHE B 59 -9.57 -6.80 -14.44
C PHE B 59 -8.15 -7.37 -14.58
N TYR B 60 -7.35 -7.25 -13.54
CA TYR B 60 -5.96 -7.70 -13.62
C TYR B 60 -5.44 -8.07 -12.24
N GLY B 61 -4.72 -9.19 -12.16
CA GLY B 61 -3.95 -9.50 -10.97
C GLY B 61 -4.29 -10.81 -10.28
N LEU B 62 -5.45 -11.38 -10.64
CA LEU B 62 -5.90 -12.61 -9.99
C LEU B 62 -4.92 -13.75 -10.26
N GLN B 63 -4.41 -13.81 -11.49
CA GLN B 63 -3.49 -14.87 -11.89
C GLN B 63 -2.23 -14.93 -11.00
N TYR B 64 -1.70 -13.77 -10.62
CA TYR B 64 -0.62 -13.70 -9.66
C TYR B 64 -0.98 -14.38 -8.34
N ILE B 65 -2.16 -14.05 -7.83
CA ILE B 65 -2.61 -14.59 -6.55
C ILE B 65 -2.81 -16.10 -6.63
N LEU B 66 -3.43 -16.56 -7.70
CA LEU B 66 -3.70 -17.99 -7.86
C LEU B 66 -2.40 -18.79 -7.86
N ASN B 67 -1.44 -18.32 -8.64
CA ASN B 67 -0.16 -19.00 -8.75
C ASN B 67 0.72 -18.89 -7.51
N LYS B 68 0.79 -17.71 -6.90
CA LYS B 68 1.75 -17.56 -5.80
C LYS B 68 1.26 -18.17 -4.51
N TYR B 69 -0.06 -18.14 -4.30
CA TYR B 69 -0.64 -18.41 -2.99
C TYR B 69 -1.65 -19.55 -2.93
N LEU B 70 -2.37 -19.80 -4.01
CA LEU B 70 -3.50 -20.73 -3.91
C LEU B 70 -3.29 -22.10 -4.52
N LYS B 71 -2.36 -22.22 -5.48
CA LYS B 71 -2.25 -23.48 -6.24
C LYS B 71 -1.33 -24.49 -5.57
N GLY B 72 -1.57 -25.75 -5.89
CA GLY B 72 -0.69 -26.82 -5.43
C GLY B 72 -0.92 -27.23 -3.99
N LYS B 73 0.08 -27.87 -3.39
CA LYS B 73 -0.06 -28.31 -2.01
C LYS B 73 0.19 -27.14 -1.07
N VAL B 74 -0.90 -26.57 -0.57
CA VAL B 74 -0.79 -25.37 0.25
C VAL B 74 -1.05 -25.71 1.73
N VAL B 75 -1.42 -26.96 2.01
CA VAL B 75 -1.64 -27.39 3.38
C VAL B 75 -0.64 -28.51 3.68
N THR B 76 0.03 -28.42 4.82
CA THR B 76 0.92 -29.47 5.29
C THR B 76 0.64 -29.72 6.76
N LYS B 77 1.11 -30.85 7.29
CA LYS B 77 0.94 -31.13 8.70
C LYS B 77 1.56 -30.03 9.53
N GLU B 78 2.72 -29.54 9.09
CA GLU B 78 3.43 -28.52 9.86
C GLU B 78 2.66 -27.20 9.83
N LYS B 79 2.07 -26.87 8.69
CA LYS B 79 1.27 -25.63 8.60
C LYS B 79 0.03 -25.69 9.46
N ILE B 80 -0.60 -26.86 9.57
CA ILE B 80 -1.77 -26.99 10.42
C ILE B 80 -1.33 -26.81 11.88
N GLN B 81 -0.25 -27.46 12.26
CA GLN B 81 0.21 -27.33 13.65
C GLN B 81 0.59 -25.88 14.01
N GLU B 82 1.25 -25.19 13.09
CA GLU B 82 1.63 -23.80 13.31
C GLU B 82 0.39 -22.94 13.54
N ALA B 83 -0.59 -23.08 12.66
CA ALA B 83 -1.84 -22.32 12.79
C ALA B 83 -2.51 -22.61 14.12
N LYS B 84 -2.62 -23.90 14.46
CA LYS B 84 -3.22 -24.30 15.73
C LYS B 84 -2.54 -23.60 16.90
N ASP B 85 -1.21 -23.58 16.91
CA ASP B 85 -0.47 -22.97 18.00
C ASP B 85 -0.65 -21.45 18.05
N VAL B 86 -0.63 -20.81 16.89
CA VAL B 86 -0.82 -19.36 16.85
C VAL B 86 -2.22 -18.94 17.31
N TYR B 87 -3.24 -19.61 16.77
CA TYR B 87 -4.61 -19.23 17.08
C TYR B 87 -4.98 -19.53 18.54
N LYS B 88 -4.40 -20.56 19.13
CA LYS B 88 -4.63 -20.81 20.55
C LYS B 88 -4.23 -19.60 21.41
N GLU B 89 -3.10 -18.97 21.07
CA GLU B 89 -2.67 -17.78 21.81
C GLU B 89 -3.44 -16.52 21.40
N HIS B 90 -3.68 -16.40 20.09
CA HIS B 90 -4.34 -15.22 19.54
C HIS B 90 -5.77 -15.06 20.03
N PHE B 91 -6.50 -16.17 20.15
CA PHE B 91 -7.88 -16.14 20.65
C PHE B 91 -7.98 -16.45 22.14
N GLN B 92 -6.86 -16.84 22.73
CA GLN B 92 -6.84 -17.30 24.13
C GLN B 92 -7.84 -18.41 24.32
N ASP B 93 -7.92 -19.28 23.32
CA ASP B 93 -8.92 -20.33 23.28
C ASP B 93 -8.68 -21.18 22.06
N ASP B 94 -9.23 -22.39 22.09
CA ASP B 94 -9.10 -23.32 20.97
C ASP B 94 -10.34 -23.23 20.09
N VAL B 95 -10.26 -22.45 19.01
CA VAL B 95 -11.40 -22.32 18.11
C VAL B 95 -11.08 -22.77 16.68
N PHE B 96 -9.82 -23.06 16.42
CA PHE B 96 -9.34 -23.42 15.08
C PHE B 96 -9.88 -24.75 14.50
N ASN B 97 -10.28 -24.73 13.22
CA ASN B 97 -10.80 -25.92 12.53
C ASN B 97 -9.70 -26.90 12.08
N GLU B 98 -9.03 -27.53 13.06
CA GLU B 98 -7.95 -28.47 12.76
C GLU B 98 -8.47 -29.61 11.89
N LYS B 99 -9.62 -30.15 12.25
CA LYS B 99 -10.22 -31.28 11.52
C LYS B 99 -10.48 -30.93 10.05
N GLY B 100 -11.03 -29.75 9.81
CA GLY B 100 -11.36 -29.34 8.45
C GLY B 100 -10.13 -29.20 7.58
N TRP B 101 -9.07 -28.61 8.13
CA TRP B 101 -7.83 -28.49 7.38
C TRP B 101 -7.16 -29.83 7.20
N ASN B 102 -7.24 -30.69 8.21
CA ASN B 102 -6.70 -32.03 8.08
C ASN B 102 -7.38 -32.84 6.97
N TYR B 103 -8.68 -32.62 6.83
CA TYR B 103 -9.45 -33.29 5.79
C TYR B 103 -8.89 -32.93 4.41
N ILE B 104 -8.63 -31.65 4.19
CA ILE B 104 -8.06 -31.21 2.92
C ILE B 104 -6.69 -31.83 2.69
N LEU B 105 -5.90 -31.89 3.75
CA LEU B 105 -4.59 -32.49 3.66
C LEU B 105 -4.68 -33.98 3.30
N GLU B 106 -5.55 -34.70 3.99
CA GLU B 106 -5.67 -36.15 3.78
C GLU B 106 -6.33 -36.52 2.46
N LYS B 107 -7.42 -35.83 2.13
CA LYS B 107 -8.23 -36.20 0.98
C LYS B 107 -7.68 -35.69 -0.35
N TYR B 108 -7.11 -34.50 -0.34
CA TYR B 108 -6.68 -33.85 -1.59
C TYR B 108 -5.20 -33.52 -1.62
N ASP B 109 -4.42 -34.18 -0.76
CA ASP B 109 -3.00 -33.90 -0.63
C ASP B 109 -2.73 -32.39 -0.52
N GLY B 110 -3.60 -31.71 0.23
CA GLY B 110 -3.37 -30.32 0.57
C GLY B 110 -3.71 -29.35 -0.54
N HIS B 111 -4.38 -29.83 -1.59
CA HIS B 111 -4.86 -28.95 -2.68
C HIS B 111 -6.26 -28.45 -2.33
N LEU B 112 -6.55 -27.19 -2.61
CA LEU B 112 -7.82 -26.60 -2.21
C LEU B 112 -8.99 -27.02 -3.10
N PRO B 113 -10.02 -27.64 -2.50
CA PRO B 113 -11.19 -28.05 -3.29
C PRO B 113 -12.14 -26.86 -3.51
N ILE B 114 -11.69 -26.02 -4.43
CA ILE B 114 -12.29 -24.73 -4.75
C ILE B 114 -12.33 -24.61 -6.26
N GLU B 115 -13.40 -24.01 -6.78
CA GLU B 115 -13.46 -23.65 -8.19
C GLU B 115 -13.67 -22.14 -8.31
N ILE B 116 -12.84 -21.50 -9.11
CA ILE B 116 -12.94 -20.07 -9.34
C ILE B 116 -13.16 -19.82 -10.82
N LYS B 117 -14.17 -19.01 -11.14
CA LYS B 117 -14.40 -18.61 -12.52
C LYS B 117 -14.14 -17.12 -12.60
N ALA B 118 -13.55 -16.66 -13.71
CA ALA B 118 -13.20 -15.24 -13.81
C ALA B 118 -13.31 -14.70 -15.23
N VAL B 119 -13.48 -13.38 -15.31
CA VAL B 119 -13.39 -12.70 -16.59
C VAL B 119 -11.92 -12.69 -17.03
N PRO B 120 -11.65 -12.68 -18.35
CA PRO B 120 -10.24 -12.73 -18.76
C PRO B 120 -9.45 -11.53 -18.27
N GLU B 121 -8.20 -11.75 -17.92
CA GLU B 121 -7.36 -10.67 -17.46
C GLU B 121 -7.12 -9.65 -18.55
N GLY B 122 -7.15 -8.39 -18.14
CA GLY B 122 -7.03 -7.28 -19.07
C GLY B 122 -8.38 -6.80 -19.57
N PHE B 123 -9.45 -7.58 -19.36
CA PHE B 123 -10.76 -7.14 -19.82
C PHE B 123 -11.17 -5.85 -19.13
N VAL B 124 -11.84 -5.00 -19.89
CA VAL B 124 -12.36 -3.74 -19.39
C VAL B 124 -13.87 -3.87 -19.25
N ILE B 125 -14.33 -3.82 -18.00
CA ILE B 125 -15.71 -4.18 -17.65
C ILE B 125 -16.35 -3.06 -16.87
N PRO B 126 -17.59 -2.68 -17.21
CA PRO B 126 -18.28 -1.64 -16.43
C PRO B 126 -18.48 -2.05 -14.97
N ARG B 127 -18.57 -1.05 -14.09
CA ARG B 127 -18.81 -1.29 -12.67
C ARG B 127 -20.08 -2.10 -12.44
N GLY B 128 -20.06 -2.91 -11.39
CA GLY B 128 -21.27 -3.58 -10.95
C GLY B 128 -21.53 -4.89 -11.66
N ASN B 129 -20.48 -5.42 -12.30
CA ASN B 129 -20.52 -6.73 -12.91
C ASN B 129 -19.72 -7.78 -12.14
N VAL B 130 -20.17 -9.02 -12.20
CA VAL B 130 -19.38 -10.11 -11.64
C VAL B 130 -18.04 -10.24 -12.36
N LEU B 131 -16.95 -10.23 -11.60
CA LEU B 131 -15.61 -10.33 -12.16
C LEU B 131 -15.02 -11.71 -11.90
N PHE B 132 -15.27 -12.25 -10.71
CA PHE B 132 -14.98 -13.64 -10.45
C PHE B 132 -15.91 -14.25 -9.41
N THR B 133 -16.01 -15.57 -9.43
CA THR B 133 -16.84 -16.30 -8.47
C THR B 133 -16.01 -17.40 -7.85
N VAL B 134 -16.37 -17.79 -6.63
CA VAL B 134 -15.64 -18.80 -5.87
C VAL B 134 -16.64 -19.73 -5.22
N GLU B 135 -16.41 -21.03 -5.34
CA GLU B 135 -17.22 -21.97 -4.56
C GLU B 135 -16.42 -23.22 -4.22
N ASN B 136 -16.85 -23.91 -3.17
CA ASN B 136 -16.21 -25.15 -2.80
C ASN B 136 -16.67 -26.30 -3.68
N THR B 137 -15.79 -27.26 -3.92
CA THR B 137 -16.14 -28.41 -4.76
C THR B 137 -16.36 -29.67 -3.94
N ASP B 138 -16.09 -29.60 -2.64
CA ASP B 138 -16.38 -30.70 -1.71
C ASP B 138 -17.33 -30.16 -0.63
N PRO B 139 -18.44 -30.86 -0.35
CA PRO B 139 -19.40 -30.39 0.67
C PRO B 139 -18.78 -30.17 2.05
N GLU B 140 -17.75 -30.93 2.39
CA GLU B 140 -17.08 -30.79 3.67
C GLU B 140 -16.38 -29.45 3.80
N CYS B 141 -16.10 -28.82 2.67
CA CYS B 141 -15.29 -27.62 2.67
C CYS B 141 -16.09 -26.35 2.39
N TYR B 142 -17.36 -26.36 2.80
CA TYR B 142 -18.25 -25.20 2.68
C TYR B 142 -17.63 -23.92 3.27
N TRP B 143 -16.81 -24.10 4.29
CA TRP B 143 -16.19 -22.99 5.04
C TRP B 143 -15.00 -22.39 4.31
N LEU B 144 -14.51 -23.08 3.29
CA LEU B 144 -13.26 -22.70 2.64
C LEU B 144 -13.44 -21.49 1.71
N THR B 145 -14.64 -21.39 1.12
CA THR B 145 -14.93 -20.34 0.14
C THR B 145 -14.63 -18.99 0.70
N ASN B 146 -15.16 -18.73 1.89
CA ASN B 146 -14.95 -17.43 2.48
C ASN B 146 -13.67 -17.29 3.31
N TRP B 147 -13.02 -18.41 3.64
CA TRP B 147 -11.68 -18.32 4.25
C TRP B 147 -10.74 -17.52 3.38
N ILE B 148 -10.82 -17.78 2.06
CA ILE B 148 -9.89 -17.17 1.12
C ILE B 148 -10.39 -15.82 0.59
N GLU B 149 -11.46 -15.28 1.18
CA GLU B 149 -11.92 -13.95 0.79
C GLU B 149 -10.79 -12.93 0.94
N THR B 150 -10.12 -12.95 2.09
CA THR B 150 -9.14 -11.93 2.40
C THR B 150 -8.04 -11.86 1.34
N ILE B 151 -7.44 -13.00 1.00
CA ILE B 151 -6.36 -12.94 0.01
C ILE B 151 -6.86 -12.63 -1.39
N LEU B 152 -8.06 -13.10 -1.75
CA LEU B 152 -8.60 -12.81 -3.07
C LEU B 152 -8.98 -11.35 -3.22
N VAL B 153 -9.47 -10.73 -2.14
CA VAL B 153 -9.93 -9.34 -2.21
C VAL B 153 -8.77 -8.40 -2.46
N GLN B 154 -7.56 -8.83 -2.11
CA GLN B 154 -6.37 -8.03 -2.40
C GLN B 154 -6.15 -7.79 -3.90
N SER B 155 -6.86 -8.52 -4.74
CA SER B 155 -6.87 -8.23 -6.17
C SER B 155 -7.37 -6.82 -6.42
N TRP B 156 -8.04 -6.22 -5.43
CA TRP B 156 -8.49 -4.82 -5.61
C TRP B 156 -7.31 -3.96 -6.04
N TYR B 157 -6.12 -4.26 -5.53
CA TYR B 157 -4.99 -3.38 -5.74
C TYR B 157 -4.50 -3.35 -7.20
N PRO B 158 -4.14 -4.50 -7.78
CA PRO B 158 -3.77 -4.44 -9.19
C PRO B 158 -4.93 -3.99 -10.09
N ILE B 159 -6.17 -4.34 -9.77
CA ILE B 159 -7.29 -3.83 -10.54
C ILE B 159 -7.31 -2.31 -10.51
N THR B 160 -7.15 -1.76 -9.30
CA THR B 160 -7.27 -0.32 -9.16
C THR B 160 -6.10 0.43 -9.77
N VAL B 161 -4.89 -0.08 -9.59
CA VAL B 161 -3.74 0.57 -10.23
C VAL B 161 -3.90 0.55 -11.75
N ALA B 162 -4.25 -0.62 -12.28
CA ALA B 162 -4.38 -0.78 -13.72
C ALA B 162 -5.47 0.15 -14.27
N THR B 163 -6.58 0.24 -13.55
CA THR B 163 -7.70 1.07 -13.95
C THR B 163 -7.35 2.54 -13.94
N ASN B 164 -6.79 3.00 -12.81
CA ASN B 164 -6.39 4.38 -12.69
C ASN B 164 -5.28 4.75 -13.67
N SER B 165 -4.35 3.84 -13.93
CA SER B 165 -3.30 4.08 -14.93
C SER B 165 -3.93 4.26 -16.30
N ARG B 166 -4.92 3.42 -16.61
CA ARG B 166 -5.57 3.45 -17.92
C ARG B 166 -6.39 4.76 -18.08
N GLU B 167 -7.00 5.21 -16.98
CA GLU B 167 -7.75 6.46 -17.04
C GLU B 167 -6.82 7.63 -17.31
N GLN B 168 -5.60 7.57 -16.80
CA GLN B 168 -4.61 8.58 -17.13
C GLN B 168 -4.17 8.48 -18.60
N LYS B 169 -4.02 7.26 -19.10
CA LYS B 169 -3.70 7.05 -20.52
C LYS B 169 -4.77 7.68 -21.42
N LYS B 170 -6.03 7.59 -21.01
CA LYS B 170 -7.11 8.21 -21.80
C LYS B 170 -6.96 9.71 -21.90
N ILE B 171 -6.62 10.35 -20.78
CA ILE B 171 -6.38 11.80 -20.77
C ILE B 171 -5.20 12.14 -21.67
N LEU B 172 -4.12 11.40 -21.52
CA LEU B 172 -2.93 11.68 -22.29
C LEU B 172 -3.23 11.50 -23.77
N ALA B 173 -3.98 10.44 -24.09
CA ALA B 173 -4.29 10.17 -25.50
C ALA B 173 -5.10 11.29 -26.12
N LYS B 174 -6.12 11.74 -25.40
CA LYS B 174 -6.97 12.82 -25.86
C LYS B 174 -6.14 14.05 -26.20
N TYR B 175 -5.26 14.44 -25.28
CA TYR B 175 -4.50 15.68 -25.46
C TYR B 175 -3.34 15.55 -26.44
N LEU B 176 -2.70 14.39 -26.48
CA LEU B 176 -1.67 14.15 -27.47
C LEU B 176 -2.29 14.17 -28.87
N LEU B 177 -3.44 13.51 -29.03
CA LEU B 177 -4.06 13.48 -30.36
C LEU B 177 -4.46 14.90 -30.78
N GLU B 178 -5.02 15.66 -29.85
CA GLU B 178 -5.50 17.00 -30.16
C GLU B 178 -4.35 17.92 -30.52
N THR B 179 -3.28 17.88 -29.74
CA THR B 179 -2.17 18.81 -29.99
C THR B 179 -1.14 18.39 -31.02
N SER B 180 -1.13 17.11 -31.44
CA SER B 180 -0.11 16.61 -32.35
C SER B 180 -0.67 15.84 -33.56
N GLY B 181 -1.92 15.39 -33.45
CA GLY B 181 -2.56 14.65 -34.53
C GLY B 181 -2.31 13.16 -34.56
N ASN B 182 -1.58 12.64 -33.58
CA ASN B 182 -1.33 11.20 -33.52
C ASN B 182 -1.06 10.79 -32.09
N LEU B 183 -0.85 9.50 -31.88
CA LEU B 183 -0.59 8.96 -30.55
C LEU B 183 0.83 8.42 -30.42
N ASP B 184 1.75 8.86 -31.26
CA ASP B 184 3.10 8.35 -31.19
C ASP B 184 3.69 8.60 -29.82
N GLY B 185 4.26 7.55 -29.21
CA GLY B 185 4.94 7.68 -27.95
C GLY B 185 4.03 7.66 -26.74
N LEU B 186 2.73 7.47 -26.94
CA LEU B 186 1.76 7.54 -25.84
C LEU B 186 2.15 6.60 -24.70
N GLU B 187 2.65 5.42 -25.07
CA GLU B 187 2.94 4.36 -24.10
C GLU B 187 4.14 4.68 -23.23
N TYR B 188 4.86 5.78 -23.52
CA TYR B 188 5.97 6.23 -22.69
C TYR B 188 5.70 7.55 -21.98
N LYS B 189 4.43 7.98 -21.95
CA LYS B 189 4.12 9.31 -21.45
C LYS B 189 3.83 9.38 -19.96
N LEU B 190 3.66 8.21 -19.34
CA LEU B 190 3.42 8.18 -17.88
C LEU B 190 4.34 7.13 -17.30
N HIS B 191 5.36 7.61 -16.59
CA HIS B 191 6.44 6.75 -16.10
C HIS B 191 6.24 6.48 -14.60
N ASP B 192 6.37 5.23 -14.18
CA ASP B 192 6.23 4.83 -12.77
C ASP B 192 7.50 5.23 -11.97
N PHE B 193 7.32 6.14 -11.02
CA PHE B 193 8.39 6.59 -10.11
C PHE B 193 8.07 6.08 -8.69
N GLY B 194 7.15 5.13 -8.57
CA GLY B 194 6.60 4.79 -7.27
C GLY B 194 7.28 3.81 -6.33
N TYR B 195 8.46 3.31 -6.69
CA TYR B 195 9.07 2.24 -5.90
C TYR B 195 9.28 2.60 -4.41
N ARG B 196 9.82 3.78 -4.14
CA ARG B 196 10.11 4.20 -2.76
C ARG B 196 8.84 4.59 -2.02
N GLY B 197 7.78 4.88 -2.77
CA GLY B 197 6.57 5.46 -2.19
C GLY B 197 5.44 4.46 -1.93
N VAL B 198 5.70 3.17 -2.18
CA VAL B 198 4.72 2.15 -1.82
C VAL B 198 5.08 1.50 -0.49
N SER B 199 4.19 0.64 -0.02
CA SER B 199 4.26 0.16 1.35
C SER B 199 5.14 -1.07 1.55
N SER B 200 5.54 -1.72 0.46
CA SER B 200 6.43 -2.88 0.57
C SER B 200 7.02 -3.27 -0.78
N GLN B 201 8.02 -4.14 -0.74
CA GLN B 201 8.58 -4.71 -1.96
C GLN B 201 7.54 -5.47 -2.77
N GLU B 202 6.71 -6.25 -2.09
CA GLU B 202 5.71 -7.03 -2.80
C GLU B 202 4.74 -6.10 -3.54
N THR B 203 4.26 -5.10 -2.82
CA THR B 203 3.37 -4.11 -3.43
C THR B 203 4.02 -3.43 -4.63
N ALA B 204 5.29 -3.10 -4.51
CA ALA B 204 5.99 -2.46 -5.63
C ALA B 204 5.89 -3.28 -6.89
N GLY B 205 6.15 -4.58 -6.79
CA GLY B 205 6.09 -5.43 -7.98
C GLY B 205 4.70 -5.56 -8.54
N ILE B 206 3.72 -5.78 -7.67
CA ILE B 206 2.33 -5.90 -8.10
C ILE B 206 1.87 -4.60 -8.79
N GLY B 207 2.06 -3.48 -8.11
CA GLY B 207 1.60 -2.19 -8.62
C GLY B 207 2.30 -1.81 -9.91
N ALA B 208 3.61 -1.99 -9.94
CA ALA B 208 4.36 -1.66 -11.17
C ALA B 208 3.83 -2.50 -12.32
N SER B 209 3.56 -3.78 -12.05
CA SER B 209 3.07 -4.65 -13.12
C SER B 209 1.73 -4.17 -13.66
N ALA B 210 0.88 -3.64 -12.78
CA ALA B 210 -0.44 -3.18 -13.17
C ALA B 210 -0.35 -1.92 -14.04
N HIS B 211 0.59 -1.04 -13.72
CA HIS B 211 0.83 0.15 -14.56
C HIS B 211 1.30 -0.28 -15.95
N LEU B 212 2.12 -1.33 -16.00
CA LEU B 212 2.67 -1.80 -17.27
C LEU B 212 1.63 -2.45 -18.16
N VAL B 213 0.41 -2.66 -17.64
CA VAL B 213 -0.68 -3.08 -18.50
C VAL B 213 -0.98 -2.01 -19.56
N ASN B 214 -0.73 -0.75 -19.19
CA ASN B 214 -1.08 0.40 -20.01
C ASN B 214 0.11 1.14 -20.64
N PHE B 215 1.25 1.08 -19.97
CA PHE B 215 2.42 1.86 -20.39
C PHE B 215 3.66 0.97 -20.42
N LYS B 216 4.76 1.50 -20.96
CA LYS B 216 5.99 0.73 -21.05
C LYS B 216 7.14 1.33 -20.26
N GLY B 217 6.89 2.44 -19.56
CA GLY B 217 7.95 3.12 -18.84
C GLY B 217 7.84 2.92 -17.34
N THR B 218 8.89 2.36 -16.74
CA THR B 218 8.92 2.19 -15.29
C THR B 218 10.33 2.27 -14.72
N ASP B 219 10.43 2.82 -13.51
CA ASP B 219 11.65 2.70 -12.72
C ASP B 219 11.48 1.67 -11.59
N THR B 220 10.28 1.12 -11.47
CA THR B 220 10.02 0.17 -10.39
C THR B 220 10.40 -1.21 -10.89
N VAL B 221 11.68 -1.53 -10.71
CA VAL B 221 12.28 -2.72 -11.32
C VAL B 221 11.58 -4.02 -10.90
N ALA B 222 10.99 -4.01 -9.71
CA ALA B 222 10.28 -5.17 -9.14
C ALA B 222 9.19 -5.71 -10.07
N GLY B 223 8.60 -4.83 -10.89
CA GLY B 223 7.52 -5.24 -11.77
C GLY B 223 7.96 -6.20 -12.86
N LEU B 224 9.21 -6.07 -13.30
CA LEU B 224 9.70 -6.86 -14.43
C LEU B 224 9.69 -8.35 -14.10
N ALA B 225 10.25 -8.71 -12.95
CA ALA B 225 10.38 -10.11 -12.58
C ALA B 225 9.04 -10.74 -12.31
N LEU B 226 8.11 -9.96 -11.76
CA LEU B 226 6.78 -10.46 -11.50
C LEU B 226 6.10 -10.82 -12.82
N ILE B 227 6.16 -9.91 -13.78
CA ILE B 227 5.53 -10.18 -15.06
C ILE B 227 6.16 -11.41 -15.73
N LYS B 228 7.48 -11.50 -15.66
CA LYS B 228 8.19 -12.59 -16.33
C LYS B 228 7.78 -13.94 -15.71
N LYS B 229 7.64 -13.95 -14.39
CA LYS B 229 7.34 -15.20 -13.68
C LYS B 229 5.89 -15.64 -13.80
N TYR B 230 4.95 -14.69 -13.72
CA TYR B 230 3.55 -15.02 -13.60
C TYR B 230 2.71 -14.84 -14.86
N TYR B 231 3.19 -14.04 -15.81
CA TYR B 231 2.41 -13.70 -17.00
C TYR B 231 3.15 -13.97 -18.32
N GLY B 232 4.31 -13.35 -18.48
CA GLY B 232 5.16 -13.54 -19.65
C GLY B 232 4.89 -12.60 -20.80
N THR B 233 5.98 -12.20 -21.46
CA THR B 233 5.90 -11.37 -22.67
C THR B 233 6.80 -11.97 -23.75
N LYS B 234 6.43 -11.73 -25.00
CA LYS B 234 7.29 -12.09 -26.11
C LYS B 234 8.61 -11.32 -26.02
N ASP B 235 8.52 -10.04 -25.70
CA ASP B 235 9.73 -9.22 -25.51
C ASP B 235 10.52 -9.65 -24.28
N PRO B 236 11.84 -9.41 -24.28
CA PRO B 236 12.66 -9.75 -23.12
C PRO B 236 12.17 -9.11 -21.82
N VAL B 237 11.78 -7.83 -21.88
CA VAL B 237 11.21 -7.16 -20.71
C VAL B 237 9.95 -6.37 -21.05
N PRO B 238 9.08 -6.19 -20.05
CA PRO B 238 7.83 -5.48 -20.32
C PRO B 238 7.96 -3.97 -20.19
N GLY B 239 9.04 -3.48 -19.58
CA GLY B 239 9.18 -2.05 -19.35
C GLY B 239 10.61 -1.58 -19.42
N TYR B 240 10.75 -0.27 -19.61
CA TYR B 240 12.01 0.35 -20.02
C TYR B 240 12.28 1.63 -19.26
N SER B 241 13.55 2.00 -19.16
CA SER B 241 13.91 3.30 -18.64
C SER B 241 15.15 3.82 -19.33
N VAL B 242 15.63 4.99 -18.89
CA VAL B 242 16.80 5.64 -19.46
C VAL B 242 17.63 6.22 -18.34
N PRO B 243 18.90 6.55 -18.60
CA PRO B 243 19.70 7.16 -17.54
C PRO B 243 19.15 8.51 -17.09
N ALA B 244 19.38 8.85 -15.83
CA ALA B 244 18.85 10.10 -15.29
C ALA B 244 19.55 10.40 -13.98
N ALA B 245 19.65 11.69 -13.67
CA ALA B 245 20.20 12.15 -12.40
C ALA B 245 19.16 12.18 -11.29
N GLU B 246 19.65 12.23 -10.06
CA GLU B 246 18.78 12.52 -8.92
C GLU B 246 19.43 13.71 -8.24
N HIS B 247 18.79 14.29 -7.21
CA HIS B 247 19.37 15.46 -6.60
C HIS B 247 20.77 15.18 -6.06
N SER B 248 21.01 13.99 -5.51
CA SER B 248 22.30 13.71 -4.92
C SER B 248 23.44 13.76 -5.94
N THR B 249 23.16 13.38 -7.19
CA THR B 249 24.23 13.42 -8.19
C THR B 249 24.50 14.83 -8.74
N ILE B 250 23.62 15.77 -8.44
CA ILE B 250 23.84 17.17 -8.76
C ILE B 250 24.46 17.88 -7.55
N THR B 251 23.82 17.73 -6.40
CA THR B 251 24.21 18.49 -5.23
C THR B 251 25.57 18.06 -4.69
N ALA B 252 25.97 16.82 -4.98
CA ALA B 252 27.26 16.32 -4.49
C ALA B 252 28.41 17.16 -5.02
N TRP B 253 28.20 17.83 -6.15
CA TRP B 253 29.25 18.65 -6.77
C TRP B 253 29.48 19.96 -6.03
N GLY B 254 28.57 20.30 -5.12
CA GLY B 254 28.62 21.56 -4.41
C GLY B 254 27.76 22.62 -5.10
N LYS B 255 27.21 23.52 -4.30
CA LYS B 255 26.24 24.51 -4.79
C LYS B 255 26.75 25.38 -5.92
N ASP B 256 28.06 25.65 -5.94
CA ASP B 256 28.62 26.52 -6.98
C ASP B 256 29.00 25.78 -8.26
N HIS B 257 28.71 24.48 -8.29
CA HIS B 257 29.16 23.63 -9.39
C HIS B 257 28.02 22.85 -10.06
N GLU B 258 26.82 23.41 -10.02
CA GLU B 258 25.69 22.80 -10.73
C GLU B 258 25.96 22.62 -12.22
N LYS B 259 26.53 23.66 -12.84
CA LYS B 259 26.88 23.58 -14.26
C LYS B 259 27.85 22.42 -14.52
N ASP B 260 28.83 22.25 -13.64
CA ASP B 260 29.81 21.17 -13.82
C ASP B 260 29.16 19.80 -13.76
N ALA B 261 28.19 19.65 -12.86
CA ALA B 261 27.46 18.39 -12.72
C ALA B 261 26.69 18.10 -14.01
N PHE B 262 25.90 19.09 -14.44
CA PHE B 262 25.11 18.98 -15.66
C PHE B 262 26.01 18.59 -16.85
N GLU B 263 27.13 19.28 -16.99
CA GLU B 263 28.05 19.03 -18.12
C GLU B 263 28.60 17.61 -18.07
N HIS B 264 29.00 17.18 -16.88
CA HIS B 264 29.54 15.84 -16.70
C HIS B 264 28.50 14.80 -17.07
N ILE B 265 27.29 15.01 -16.60
CA ILE B 265 26.24 14.01 -16.76
C ILE B 265 25.80 13.85 -18.22
N VAL B 266 25.56 14.97 -18.92
CA VAL B 266 25.12 14.87 -20.32
C VAL B 266 26.26 14.38 -21.22
N THR B 267 27.50 14.63 -20.82
CA THR B 267 28.67 14.12 -21.57
C THR B 267 28.87 12.61 -21.34
N GLN B 268 28.67 12.15 -20.11
CA GLN B 268 28.68 10.71 -19.83
C GLN B 268 27.59 9.98 -20.61
N PHE B 269 26.45 10.63 -20.80
CA PHE B 269 25.33 9.99 -21.47
C PHE B 269 25.02 10.80 -22.73
N SER B 270 26.01 10.86 -23.62
CA SER B 270 25.95 11.75 -24.78
C SER B 270 25.13 11.18 -25.94
N SER B 271 24.94 9.86 -25.94
CA SER B 271 24.34 9.21 -27.11
C SER B 271 23.11 8.38 -26.76
N VAL B 272 22.60 8.54 -25.54
CA VAL B 272 21.32 7.94 -25.16
C VAL B 272 20.48 9.04 -24.51
N PRO B 273 19.14 8.85 -24.38
CA PRO B 273 18.39 9.90 -23.70
C PRO B 273 18.88 10.03 -22.27
N VAL B 274 18.84 11.23 -21.71
CA VAL B 274 19.21 11.39 -20.31
C VAL B 274 18.33 12.44 -19.69
N SER B 275 17.83 12.17 -18.49
CA SER B 275 17.02 13.18 -17.80
C SER B 275 17.79 13.77 -16.65
N VAL B 276 17.73 15.09 -16.50
CA VAL B 276 18.52 15.74 -15.47
C VAL B 276 17.63 16.65 -14.65
N VAL B 277 17.52 16.32 -13.37
CA VAL B 277 16.72 17.11 -12.44
C VAL B 277 17.40 18.47 -12.26
N SER B 278 16.61 19.53 -12.45
CA SER B 278 17.20 20.83 -12.68
C SER B 278 16.77 21.87 -11.63
N ASP B 279 16.13 21.43 -10.56
CA ASP B 279 15.57 22.37 -9.58
C ASP B 279 16.28 22.37 -8.23
N SER B 280 17.47 21.78 -8.15
CA SER B 280 18.19 21.71 -6.87
C SER B 280 18.30 23.06 -6.17
N TYR B 281 18.53 24.12 -6.94
CA TYR B 281 18.64 25.45 -6.35
C TYR B 281 17.71 26.49 -6.99
N ASP B 282 17.65 26.48 -8.31
CA ASP B 282 16.82 27.46 -9.03
C ASP B 282 16.54 26.92 -10.42
N ILE B 283 15.38 26.28 -10.54
CA ILE B 283 14.96 25.69 -11.82
C ILE B 283 14.97 26.70 -12.98
N TYR B 284 14.57 27.93 -12.70
CA TYR B 284 14.43 28.90 -13.78
C TYR B 284 15.80 29.36 -14.28
N ASN B 285 16.73 29.53 -13.35
CA ASN B 285 18.13 29.83 -13.69
C ASN B 285 18.76 28.67 -14.43
N ALA B 286 18.48 27.46 -13.98
CA ALA B 286 19.08 26.28 -14.60
C ALA B 286 18.64 26.20 -16.05
N CYS B 287 17.36 26.44 -16.30
CA CYS B 287 16.85 26.33 -17.66
C CYS B 287 17.34 27.48 -18.54
N GLU B 288 17.34 28.68 -18.00
CA GLU B 288 17.58 29.85 -18.84
C GLU B 288 19.06 30.10 -19.02
N LYS B 289 19.82 30.01 -17.93
CA LYS B 289 21.25 30.35 -17.96
C LYS B 289 22.17 29.14 -18.09
N ILE B 290 21.90 28.04 -17.39
CA ILE B 290 22.82 26.92 -17.53
C ILE B 290 22.56 26.11 -18.80
N TRP B 291 21.38 25.50 -18.90
CA TRP B 291 21.02 24.81 -20.14
C TRP B 291 20.92 25.75 -21.34
N GLY B 292 20.29 26.89 -21.15
CA GLY B 292 19.91 27.74 -22.26
C GLY B 292 21.03 28.63 -22.78
N GLU B 293 22.10 28.75 -22.01
CA GLU B 293 23.25 29.57 -22.41
C GLU B 293 24.57 28.81 -22.25
N ASP B 294 24.98 28.55 -21.01
CA ASP B 294 26.32 28.00 -20.77
C ASP B 294 26.56 26.65 -21.42
N LEU B 295 25.56 25.77 -21.36
CA LEU B 295 25.70 24.41 -21.87
C LEU B 295 24.89 24.16 -23.14
N ARG B 296 24.36 25.22 -23.75
CA ARG B 296 23.48 25.07 -24.90
C ARG B 296 24.14 24.28 -26.02
N HIS B 297 25.44 24.50 -26.22
CA HIS B 297 26.16 23.85 -27.29
C HIS B 297 26.21 22.32 -27.11
N LEU B 298 26.10 21.85 -25.87
CA LEU B 298 26.08 20.42 -25.60
C LEU B 298 24.69 19.82 -25.79
N ILE B 299 23.67 20.65 -25.86
CA ILE B 299 22.32 20.17 -26.03
C ILE B 299 21.91 20.14 -27.52
N VAL B 300 22.20 21.22 -28.24
CA VAL B 300 21.73 21.32 -29.62
C VAL B 300 22.47 20.36 -30.56
N SER B 301 23.54 19.76 -30.05
CA SER B 301 24.33 18.80 -30.79
C SER B 301 23.82 17.37 -30.66
N ARG B 302 22.85 17.15 -29.78
CA ARG B 302 22.37 15.79 -29.49
C ARG B 302 21.42 15.22 -30.55
N SER B 303 21.39 13.90 -30.62
CA SER B 303 20.53 13.13 -31.50
C SER B 303 19.07 13.12 -31.05
N THR B 304 18.16 13.02 -32.02
CA THR B 304 16.74 12.84 -31.75
C THR B 304 16.46 11.58 -30.93
N GLN B 305 17.35 10.61 -31.06
CA GLN B 305 17.23 9.39 -30.29
C GLN B 305 17.87 9.54 -28.92
N ALA B 306 18.50 10.68 -28.68
CA ALA B 306 19.19 10.92 -27.41
C ALA B 306 18.94 12.30 -26.80
N PRO B 307 17.66 12.65 -26.59
CA PRO B 307 17.38 14.01 -26.10
C PRO B 307 17.84 14.20 -24.66
N LEU B 308 18.05 15.47 -24.31
CA LEU B 308 18.05 15.87 -22.91
C LEU B 308 16.61 16.04 -22.47
N ILE B 309 16.27 15.44 -21.34
CA ILE B 309 14.94 15.64 -20.78
C ILE B 309 15.12 16.41 -19.47
N ILE B 310 14.68 17.67 -19.46
CA ILE B 310 14.82 18.50 -18.27
C ILE B 310 13.70 18.15 -17.27
N ARG B 311 14.09 17.93 -16.02
CA ARG B 311 13.13 17.59 -14.98
C ARG B 311 12.99 18.65 -13.90
N PRO B 312 11.92 19.45 -13.96
CA PRO B 312 11.58 20.26 -12.78
C PRO B 312 11.00 19.33 -11.70
N ASP B 313 11.06 19.69 -10.42
CA ASP B 313 10.62 18.76 -9.38
C ASP B 313 10.04 19.48 -8.16
N SER B 314 9.62 20.71 -8.35
CA SER B 314 9.08 21.52 -7.24
C SER B 314 8.34 22.74 -7.74
N GLY B 315 7.56 23.35 -6.85
CA GLY B 315 6.71 24.47 -7.22
C GLY B 315 5.34 23.96 -7.67
N ASN B 316 4.44 24.88 -8.00
CA ASN B 316 3.14 24.48 -8.53
C ASN B 316 3.38 23.75 -9.84
N PRO B 317 2.90 22.52 -9.96
CA PRO B 317 3.21 21.74 -11.18
C PRO B 317 2.84 22.42 -12.52
N LEU B 318 1.61 22.91 -12.67
CA LEU B 318 1.23 23.54 -13.94
C LEU B 318 2.03 24.82 -14.18
N ASP B 319 2.11 25.69 -13.18
CA ASP B 319 2.82 26.96 -13.33
C ASP B 319 4.29 26.73 -13.69
N THR B 320 4.90 25.75 -13.03
CA THR B 320 6.31 25.47 -13.24
C THR B 320 6.55 24.91 -14.65
N VAL B 321 5.75 23.94 -15.06
CA VAL B 321 5.83 23.41 -16.43
C VAL B 321 5.68 24.52 -17.47
N LEU B 322 4.69 25.39 -17.28
CA LEU B 322 4.47 26.46 -18.26
C LEU B 322 5.64 27.40 -18.34
N LYS B 323 6.17 27.77 -17.18
CA LYS B 323 7.30 28.68 -17.13
C LYS B 323 8.55 28.03 -17.72
N VAL B 324 8.80 26.76 -17.37
CA VAL B 324 9.91 26.03 -17.95
C VAL B 324 9.84 26.01 -19.48
N LEU B 325 8.65 25.74 -20.03
CA LEU B 325 8.49 25.70 -21.47
C LEU B 325 8.70 27.10 -22.08
N GLU B 326 8.17 28.13 -21.44
CA GLU B 326 8.38 29.50 -21.96
C GLU B 326 9.85 29.84 -22.00
N ILE B 327 10.57 29.50 -20.94
CA ILE B 327 12.02 29.74 -20.90
C ILE B 327 12.75 29.01 -22.04
N LEU B 328 12.49 27.72 -22.19
CA LEU B 328 13.19 26.92 -23.17
C LEU B 328 12.84 27.39 -24.58
N GLY B 329 11.60 27.82 -24.75
CA GLY B 329 11.11 28.29 -26.03
C GLY B 329 11.80 29.54 -26.49
N LYS B 330 12.36 30.31 -25.57
CA LYS B 330 13.08 31.54 -25.93
C LYS B 330 14.57 31.27 -26.13
N LYS B 331 15.05 30.13 -25.63
CA LYS B 331 16.47 29.81 -25.76
C LYS B 331 16.79 28.79 -26.85
N PHE B 332 15.77 28.04 -27.26
CA PHE B 332 15.97 26.97 -28.24
C PHE B 332 15.01 27.17 -29.42
N PRO B 333 15.32 26.55 -30.57
CA PRO B 333 14.50 26.83 -31.75
C PRO B 333 13.19 26.04 -31.79
N VAL B 334 12.11 26.73 -31.46
CA VAL B 334 10.79 26.13 -31.39
C VAL B 334 10.13 26.14 -32.76
N THR B 335 9.41 25.07 -33.06
CA THR B 335 8.66 24.98 -34.29
C THR B 335 7.17 24.98 -33.98
N GLU B 336 6.39 25.04 -35.04
CA GLU B 336 4.96 24.89 -34.88
C GLU B 336 4.53 23.67 -35.68
N ASN B 337 3.96 22.67 -35.01
CA ASN B 337 3.55 21.46 -35.70
C ASN B 337 2.32 21.68 -36.58
N SER B 338 1.88 20.63 -37.26
CA SER B 338 0.79 20.76 -38.22
C SER B 338 -0.57 21.09 -37.59
N LYS B 339 -0.68 20.94 -36.26
CA LYS B 339 -1.92 21.27 -35.57
C LYS B 339 -1.87 22.69 -35.01
N GLY B 340 -0.75 23.36 -35.16
CA GLY B 340 -0.62 24.72 -34.71
C GLY B 340 -0.04 24.87 -33.32
N TYR B 341 0.44 23.77 -32.74
CA TYR B 341 1.01 23.80 -31.39
C TYR B 341 2.54 23.90 -31.39
N LYS B 342 3.08 24.53 -30.35
CA LYS B 342 4.54 24.75 -30.25
C LYS B 342 5.26 23.46 -29.87
N LEU B 343 6.40 23.23 -30.51
CA LEU B 343 7.19 22.01 -30.31
C LEU B 343 8.66 22.33 -30.16
N LEU B 344 9.23 21.92 -29.04
CA LEU B 344 10.66 22.07 -28.81
C LEU B 344 11.40 21.22 -29.82
N PRO B 345 12.69 21.55 -30.07
CA PRO B 345 13.45 20.71 -30.99
C PRO B 345 13.58 19.29 -30.44
N PRO B 346 13.78 18.30 -31.32
CA PRO B 346 13.70 16.90 -30.90
C PRO B 346 14.78 16.44 -29.91
N TYR B 347 15.83 17.22 -29.72
CA TYR B 347 16.87 16.89 -28.75
C TYR B 347 16.54 17.39 -27.33
N LEU B 348 15.35 17.96 -27.14
CA LEU B 348 15.00 18.57 -25.86
C LEU B 348 13.55 18.29 -25.48
N ARG B 349 13.37 17.73 -24.29
CA ARG B 349 12.03 17.43 -23.76
C ARG B 349 11.98 17.74 -22.27
N VAL B 350 10.78 17.62 -21.70
CA VAL B 350 10.59 17.87 -20.26
C VAL B 350 9.88 16.68 -19.65
N ILE B 351 10.19 16.40 -18.37
CA ILE B 351 9.36 15.44 -17.63
C ILE B 351 8.98 16.07 -16.30
N GLN B 352 7.68 16.06 -15.98
CA GLN B 352 7.21 16.55 -14.70
C GLN B 352 6.85 15.35 -13.86
N GLY B 353 7.59 15.19 -12.77
CA GLY B 353 7.41 14.03 -11.92
C GLY B 353 7.26 14.41 -10.47
N ASP B 354 6.75 15.62 -10.21
CA ASP B 354 6.40 16.00 -8.85
C ASP B 354 4.92 16.36 -8.76
N GLY B 355 4.23 15.79 -7.76
CA GLY B 355 2.85 16.14 -7.53
C GLY B 355 1.87 15.63 -8.59
N VAL B 356 2.27 14.61 -9.33
CA VAL B 356 1.42 14.11 -10.41
C VAL B 356 0.50 12.98 -9.95
N ASP B 357 -0.80 13.23 -10.09
CA ASP B 357 -1.83 12.18 -9.96
C ASP B 357 -2.82 12.43 -11.09
N ILE B 358 -3.89 11.64 -11.15
CA ILE B 358 -4.78 11.76 -12.28
C ILE B 358 -5.38 13.16 -12.41
N ASN B 359 -5.61 13.82 -11.28
CA ASN B 359 -6.17 15.16 -11.33
C ASN B 359 -5.20 16.22 -11.82
N THR B 360 -3.98 16.20 -11.29
CA THR B 360 -3.02 17.22 -11.70
C THR B 360 -2.50 16.95 -13.13
N LEU B 361 -2.48 15.69 -13.54
CA LEU B 361 -2.14 15.35 -14.93
C LEU B 361 -3.09 16.08 -15.85
N GLN B 362 -4.38 15.94 -15.59
CA GLN B 362 -5.40 16.62 -16.38
C GLN B 362 -5.19 18.13 -16.40
N GLU B 363 -4.91 18.72 -15.24
CA GLU B 363 -4.71 20.16 -15.14
C GLU B 363 -3.53 20.60 -15.99
N ILE B 364 -2.46 19.81 -15.98
CA ILE B 364 -1.24 20.23 -16.69
C ILE B 364 -1.45 20.15 -18.19
N VAL B 365 -2.00 19.04 -18.69
CA VAL B 365 -2.15 18.93 -20.15
C VAL B 365 -3.16 19.94 -20.69
N GLU B 366 -4.20 20.23 -19.91
CA GLU B 366 -5.15 21.26 -20.29
C GLU B 366 -4.51 22.65 -20.29
N GLY B 367 -3.70 22.93 -19.28
CA GLY B 367 -3.01 24.22 -19.21
C GLY B 367 -2.02 24.38 -20.36
N MET B 368 -1.32 23.31 -20.69
CA MET B 368 -0.40 23.34 -21.82
C MET B 368 -1.16 23.60 -23.10
N LYS B 369 -2.28 22.91 -23.30
CA LYS B 369 -3.09 23.10 -24.51
C LYS B 369 -3.55 24.54 -24.63
N GLN B 370 -3.99 25.12 -23.51
CA GLN B 370 -4.45 26.52 -23.53
C GLN B 370 -3.34 27.49 -23.93
N LYS B 371 -2.10 27.15 -23.57
CA LYS B 371 -0.95 27.98 -23.93
C LYS B 371 -0.29 27.54 -25.27
N MET B 372 -0.96 26.66 -26.01
CA MET B 372 -0.53 26.21 -27.34
C MET B 372 0.78 25.41 -27.36
N TRP B 373 1.05 24.69 -26.28
CA TRP B 373 2.21 23.81 -26.20
C TRP B 373 1.77 22.38 -26.48
N SER B 374 2.42 21.72 -27.44
CA SER B 374 2.11 20.32 -27.72
C SER B 374 2.41 19.38 -26.54
N ILE B 375 1.56 18.37 -26.35
CA ILE B 375 1.87 17.34 -25.36
C ILE B 375 3.08 16.48 -25.78
N GLU B 376 3.49 16.59 -27.06
CA GLU B 376 4.73 15.93 -27.48
C GLU B 376 5.92 16.37 -26.63
N ASN B 377 5.85 17.58 -26.08
CA ASN B 377 6.98 18.17 -25.35
C ASN B 377 7.25 17.56 -24.00
N ILE B 378 6.24 16.86 -23.45
CA ILE B 378 6.29 16.52 -22.04
C ILE B 378 5.98 15.06 -21.78
N ALA B 379 6.56 14.53 -20.71
CA ALA B 379 6.11 13.25 -20.17
C ALA B 379 5.90 13.45 -18.68
N PHE B 380 5.22 12.49 -18.05
CA PHE B 380 4.93 12.63 -16.63
C PHE B 380 5.50 11.46 -15.88
N GLY B 381 6.00 11.72 -14.67
CA GLY B 381 6.32 10.62 -13.78
C GLY B 381 5.35 10.69 -12.62
N SER B 382 4.99 9.53 -12.08
CA SER B 382 4.08 9.54 -10.95
C SER B 382 4.50 8.41 -10.03
N GLY B 383 4.56 8.69 -8.73
CA GLY B 383 4.99 7.70 -7.77
C GLY B 383 3.86 7.34 -6.84
N GLY B 384 3.78 8.04 -5.71
CA GLY B 384 2.69 7.78 -4.77
C GLY B 384 1.32 7.89 -5.44
N GLY B 385 1.15 8.86 -6.34
CA GLY B 385 -0.13 9.01 -7.00
C GLY B 385 -0.55 7.81 -7.84
N LEU B 386 0.46 7.14 -8.40
CA LEU B 386 0.24 6.03 -9.31
C LEU B 386 0.03 4.72 -8.56
N LEU B 387 0.80 4.52 -7.50
CA LEU B 387 0.89 3.20 -6.89
C LEU B 387 0.44 3.11 -5.43
N GLN B 388 0.36 4.24 -4.74
CA GLN B 388 0.06 4.19 -3.31
C GLN B 388 -1.24 4.88 -2.90
N LYS B 389 -1.56 5.99 -3.55
CA LYS B 389 -2.71 6.80 -3.12
C LYS B 389 -4.01 6.27 -3.73
N LEU B 390 -4.33 5.04 -3.35
CA LEU B 390 -5.47 4.31 -3.89
C LEU B 390 -5.95 3.41 -2.77
N THR B 391 -7.26 3.22 -2.68
CA THR B 391 -7.83 2.32 -1.69
C THR B 391 -8.90 1.48 -2.33
N ARG B 392 -9.33 0.47 -1.59
CA ARG B 392 -10.35 -0.45 -2.06
C ARG B 392 -11.70 0.26 -2.28
N ASP B 393 -11.87 1.43 -1.67
CA ASP B 393 -13.08 2.23 -1.84
C ASP B 393 -13.22 2.90 -3.19
N LEU B 394 -12.11 3.06 -3.91
CA LEU B 394 -12.17 3.82 -5.15
C LEU B 394 -13.11 3.16 -6.17
N LEU B 395 -13.02 1.84 -6.29
CA LEU B 395 -13.86 1.09 -7.21
C LEU B 395 -14.84 0.20 -6.44
N ASN B 396 -14.85 0.33 -5.12
CA ASN B 396 -15.72 -0.50 -4.25
C ASN B 396 -15.57 -1.99 -4.53
N CYS B 397 -14.33 -2.45 -4.51
CA CYS B 397 -14.01 -3.85 -4.76
C CYS B 397 -14.44 -4.66 -3.56
N SER B 398 -15.30 -5.66 -3.78
CA SER B 398 -15.97 -6.31 -2.69
C SER B 398 -16.32 -7.77 -2.99
N PHE B 399 -16.22 -8.63 -1.98
CA PHE B 399 -16.46 -10.07 -2.13
C PHE B 399 -17.65 -10.41 -1.23
N LYS B 400 -18.64 -11.09 -1.79
CA LYS B 400 -19.87 -11.39 -1.04
C LYS B 400 -20.41 -12.77 -1.37
N CYS B 401 -21.01 -13.42 -0.37
CA CYS B 401 -21.71 -14.68 -0.60
C CYS B 401 -23.08 -14.42 -1.22
N SER B 402 -23.39 -15.10 -2.31
CA SER B 402 -24.67 -14.90 -3.02
C SER B 402 -25.52 -16.17 -3.11
N TYR B 403 -24.93 -17.32 -2.79
CA TYR B 403 -25.67 -18.57 -2.92
C TYR B 403 -25.14 -19.61 -1.95
N VAL B 404 -26.03 -20.33 -1.30
CA VAL B 404 -25.62 -21.42 -0.40
C VAL B 404 -26.53 -22.61 -0.63
N VAL B 405 -26.04 -23.79 -0.31
CA VAL B 405 -26.92 -24.96 -0.31
C VAL B 405 -26.91 -25.53 1.10
N THR B 406 -28.11 -25.68 1.66
CA THR B 406 -28.24 -26.19 3.01
C THR B 406 -29.39 -27.20 3.01
N ASN B 407 -29.13 -28.38 3.58
CA ASN B 407 -30.09 -29.48 3.53
C ASN B 407 -30.53 -29.78 2.11
N GLY B 408 -29.58 -29.65 1.18
CA GLY B 408 -29.82 -30.00 -0.20
C GLY B 408 -30.58 -28.96 -0.99
N LEU B 409 -30.94 -27.86 -0.34
CA LEU B 409 -31.71 -26.82 -1.01
C LEU B 409 -30.86 -25.56 -1.23
N GLY B 410 -30.82 -25.11 -2.48
CA GLY B 410 -30.13 -23.88 -2.85
C GLY B 410 -30.93 -22.69 -2.41
N ILE B 411 -30.24 -21.70 -1.87
CA ILE B 411 -30.85 -20.47 -1.35
C ILE B 411 -30.10 -19.27 -1.90
N ASN B 412 -30.83 -18.31 -2.45
CA ASN B 412 -30.22 -17.07 -2.93
C ASN B 412 -30.10 -16.08 -1.80
N VAL B 413 -28.87 -15.68 -1.49
CA VAL B 413 -28.62 -14.88 -0.32
C VAL B 413 -27.91 -13.57 -0.68
N PHE B 414 -28.00 -12.59 0.22
CA PHE B 414 -27.54 -11.24 -0.08
C PHE B 414 -27.64 -10.38 1.18
N LYS B 415 -26.94 -9.25 1.17
CA LYS B 415 -27.16 -8.22 2.18
C LYS B 415 -27.85 -7.05 1.50
N ASP B 416 -28.57 -6.27 2.28
CA ASP B 416 -29.27 -5.11 1.74
C ASP B 416 -29.52 -4.14 2.87
N PRO B 417 -28.46 -3.47 3.34
CA PRO B 417 -28.59 -2.63 4.54
C PRO B 417 -29.55 -1.48 4.32
N VAL B 418 -30.45 -1.25 5.28
CA VAL B 418 -31.52 -0.28 5.12
C VAL B 418 -31.03 1.14 4.83
N ALA B 419 -29.92 1.51 5.45
CA ALA B 419 -29.40 2.88 5.34
C ALA B 419 -28.41 3.07 4.21
N ASP B 420 -28.05 2.00 3.49
CA ASP B 420 -27.16 2.16 2.35
C ASP B 420 -27.46 1.17 1.22
N PRO B 421 -28.35 1.57 0.32
CA PRO B 421 -28.66 0.76 -0.86
C PRO B 421 -27.44 0.50 -1.75
N ASN B 422 -26.41 1.35 -1.67
CA ASN B 422 -25.19 1.11 -2.43
C ASN B 422 -24.45 -0.15 -2.00
N LYS B 423 -24.77 -0.65 -0.80
CA LYS B 423 -24.12 -1.85 -0.30
C LYS B 423 -24.91 -3.14 -0.55
N ARG B 424 -26.06 -3.02 -1.21
CA ARG B 424 -26.83 -4.20 -1.57
C ARG B 424 -25.96 -5.10 -2.44
N SER B 425 -25.95 -6.40 -2.14
CA SER B 425 -25.21 -7.36 -2.95
C SER B 425 -26.11 -8.21 -3.85
N LYS B 426 -25.49 -8.90 -4.81
CA LYS B 426 -26.24 -9.67 -5.81
C LYS B 426 -26.73 -11.00 -5.25
N LYS B 427 -27.79 -11.53 -5.85
CA LYS B 427 -28.45 -12.71 -5.29
C LYS B 427 -28.26 -13.91 -6.20
N GLY B 428 -27.93 -15.05 -5.61
CA GLY B 428 -27.94 -16.30 -6.35
C GLY B 428 -26.72 -16.55 -7.18
N ARG B 429 -26.82 -17.58 -8.00
CA ARG B 429 -25.76 -17.95 -8.93
C ARG B 429 -25.65 -16.92 -10.04
N LEU B 430 -24.43 -16.51 -10.35
CA LEU B 430 -24.19 -15.38 -11.24
C LEU B 430 -23.51 -15.82 -12.53
N SER B 431 -23.73 -15.06 -13.59
CA SER B 431 -23.02 -15.30 -14.85
C SER B 431 -22.93 -13.97 -15.60
N LEU B 432 -21.95 -13.88 -16.48
CA LEU B 432 -21.70 -12.63 -17.18
C LEU B 432 -22.00 -12.89 -18.66
N HIS B 433 -22.69 -11.94 -19.30
CA HIS B 433 -23.17 -12.14 -20.67
C HIS B 433 -23.02 -10.90 -21.50
N ARG B 434 -23.03 -11.09 -22.82
CA ARG B 434 -23.16 -10.00 -23.77
C ARG B 434 -24.63 -9.74 -24.01
N THR B 435 -25.02 -8.46 -24.01
CA THR B 435 -26.38 -8.04 -24.28
C THR B 435 -26.56 -7.94 -25.80
N PRO B 436 -27.81 -7.79 -26.25
CA PRO B 436 -28.01 -7.68 -27.71
C PRO B 436 -27.23 -6.51 -28.33
N ALA B 437 -26.96 -5.46 -27.58
CA ALA B 437 -26.23 -4.32 -28.11
C ALA B 437 -24.73 -4.47 -27.94
N GLY B 438 -24.32 -5.61 -27.38
CA GLY B 438 -22.91 -5.92 -27.27
C GLY B 438 -22.25 -5.42 -25.99
N ASN B 439 -23.07 -5.09 -24.99
CA ASN B 439 -22.53 -4.66 -23.71
C ASN B 439 -22.48 -5.84 -22.75
N PHE B 440 -21.99 -5.59 -21.55
CA PHE B 440 -21.98 -6.65 -20.53
C PHE B 440 -23.22 -6.58 -19.65
N VAL B 441 -23.70 -7.73 -19.21
CA VAL B 441 -24.72 -7.78 -18.17
C VAL B 441 -24.43 -8.95 -17.25
N THR B 442 -24.69 -8.75 -15.96
CA THR B 442 -24.57 -9.82 -14.98
C THR B 442 -25.95 -10.33 -14.64
N LEU B 443 -26.20 -11.62 -14.90
CA LEU B 443 -27.46 -12.23 -14.57
C LEU B 443 -27.39 -12.88 -13.19
N GLU B 444 -28.42 -12.65 -12.39
CA GLU B 444 -28.49 -13.19 -11.03
C GLU B 444 -29.47 -14.35 -10.95
N GLU B 445 -29.51 -14.99 -9.80
CA GLU B 445 -30.52 -16.01 -9.49
C GLU B 445 -30.49 -17.18 -10.46
N GLY B 446 -29.31 -17.46 -11.02
CA GLY B 446 -29.14 -18.58 -11.90
C GLY B 446 -29.78 -18.38 -13.26
N LYS B 447 -30.25 -17.17 -13.53
CA LYS B 447 -30.98 -16.89 -14.77
C LYS B 447 -30.16 -17.12 -16.05
N GLY B 448 -28.84 -17.11 -15.92
CA GLY B 448 -27.97 -17.50 -17.03
C GLY B 448 -28.38 -18.86 -17.59
N ASP B 449 -28.87 -19.74 -16.72
CA ASP B 449 -29.28 -21.09 -17.13
C ASP B 449 -30.44 -21.10 -18.10
N LEU B 450 -31.19 -20.00 -18.15
CA LEU B 450 -32.36 -19.90 -19.04
C LEU B 450 -31.93 -19.76 -20.51
N GLU B 451 -30.65 -19.45 -20.72
CA GLU B 451 -30.05 -19.40 -22.04
C GLU B 451 -30.72 -18.38 -22.96
N GLU B 452 -31.20 -17.29 -22.37
CA GLU B 452 -31.79 -16.20 -23.14
C GLU B 452 -30.73 -15.17 -23.51
N TYR B 453 -29.54 -15.34 -22.92
CA TYR B 453 -28.48 -14.36 -23.08
C TYR B 453 -27.18 -14.99 -23.55
N GLY B 454 -27.27 -16.18 -24.13
CA GLY B 454 -26.07 -16.80 -24.65
C GLY B 454 -25.20 -17.37 -23.53
N GLN B 455 -23.92 -17.57 -23.86
CA GLN B 455 -23.02 -18.26 -22.96
C GLN B 455 -22.44 -17.32 -21.89
N ASP B 456 -22.13 -17.91 -20.74
CA ASP B 456 -21.44 -17.24 -19.64
C ASP B 456 -20.04 -16.89 -20.10
N LEU B 457 -19.64 -15.64 -19.88
CA LEU B 457 -18.34 -15.18 -20.34
C LEU B 457 -17.22 -15.39 -19.32
N LEU B 458 -17.56 -15.80 -18.10
CA LEU B 458 -16.53 -16.19 -17.15
C LEU B 458 -15.92 -17.53 -17.58
N HIS B 459 -14.63 -17.70 -17.28
CA HIS B 459 -13.93 -18.95 -17.54
C HIS B 459 -13.45 -19.56 -16.23
N THR B 460 -13.47 -20.89 -16.12
CA THR B 460 -12.86 -21.51 -14.94
C THR B 460 -11.34 -21.30 -15.00
N VAL B 461 -10.81 -20.62 -13.98
CA VAL B 461 -9.39 -20.32 -13.92
C VAL B 461 -8.64 -21.12 -12.84
N PHE B 462 -9.38 -21.65 -11.87
CA PHE B 462 -8.79 -22.45 -10.82
C PHE B 462 -9.75 -23.56 -10.46
N LYS B 463 -9.25 -24.78 -10.33
CA LYS B 463 -10.10 -25.87 -9.89
C LYS B 463 -9.27 -26.92 -9.16
N ASN B 464 -9.66 -27.18 -7.91
CA ASN B 464 -9.03 -28.22 -7.10
C ASN B 464 -7.51 -28.17 -7.08
N GLY B 465 -6.97 -26.99 -6.81
CA GLY B 465 -5.54 -26.81 -6.65
C GLY B 465 -4.77 -26.53 -7.93
N LYS B 466 -5.46 -26.51 -9.07
CA LYS B 466 -4.79 -26.28 -10.34
C LYS B 466 -5.26 -25.00 -11.02
N VAL B 467 -4.33 -24.27 -11.61
CA VAL B 467 -4.72 -23.18 -12.47
C VAL B 467 -5.12 -23.76 -13.82
N THR B 468 -6.33 -23.44 -14.25
CA THR B 468 -6.89 -24.09 -15.44
C THR B 468 -6.95 -23.22 -16.66
N LYS B 469 -6.75 -21.92 -16.48
CA LYS B 469 -6.72 -21.00 -17.61
C LYS B 469 -5.91 -19.79 -17.19
N SER B 470 -5.12 -19.28 -18.12
CA SER B 470 -4.21 -18.20 -17.83
C SER B 470 -3.97 -17.36 -19.08
N TYR B 471 -3.35 -16.20 -18.88
CA TYR B 471 -3.20 -15.20 -19.93
C TYR B 471 -1.78 -14.67 -19.89
N SER B 472 -1.18 -14.46 -21.06
CA SER B 472 0.13 -13.83 -21.11
C SER B 472 -0.03 -12.34 -20.92
N PHE B 473 1.05 -11.66 -20.59
CA PHE B 473 0.97 -10.22 -20.39
C PHE B 473 0.67 -9.53 -21.72
N ASP B 474 1.10 -10.15 -22.82
CA ASP B 474 0.80 -9.59 -24.12
C ASP B 474 -0.71 -9.61 -24.40
N GLU B 475 -1.39 -10.70 -24.02
CA GLU B 475 -2.84 -10.76 -24.20
C GLU B 475 -3.59 -9.78 -23.31
N ILE B 476 -3.09 -9.62 -22.09
CA ILE B 476 -3.68 -8.67 -21.14
C ILE B 476 -3.57 -7.25 -21.67
N ARG B 477 -2.42 -6.90 -22.19
CA ARG B 477 -2.24 -5.57 -22.79
C ARG B 477 -3.20 -5.37 -23.94
N LYS B 478 -3.35 -6.38 -24.78
CA LYS B 478 -4.29 -6.26 -25.90
C LYS B 478 -5.72 -6.04 -25.40
N ASN B 479 -6.12 -6.81 -24.40
CA ASN B 479 -7.45 -6.68 -23.84
C ASN B 479 -7.70 -5.29 -23.24
N ALA B 480 -6.64 -4.68 -22.71
CA ALA B 480 -6.75 -3.42 -22.02
C ALA B 480 -6.59 -2.17 -22.89
N GLN B 481 -6.42 -2.35 -24.19
CA GLN B 481 -6.23 -1.20 -25.06
C GLN B 481 -7.37 -0.20 -25.01
N LEU B 482 -7.06 1.06 -25.31
CA LEU B 482 -8.09 2.09 -25.39
C LEU B 482 -8.83 1.94 -26.70
N ASN B 483 -10.09 2.35 -26.73
CA ASN B 483 -10.83 2.40 -27.98
C ASN B 483 -10.09 3.23 -29.02
N ILE B 484 -9.58 4.39 -28.59
CA ILE B 484 -8.86 5.30 -29.48
C ILE B 484 -7.61 4.67 -30.10
N GLU B 485 -6.99 3.72 -29.39
CA GLU B 485 -5.88 2.95 -29.95
C GLU B 485 -6.41 1.90 -30.94
N LEU B 486 -7.55 1.31 -30.60
CA LEU B 486 -8.20 0.33 -31.47
C LEU B 486 -8.71 0.98 -32.76
N GLU B 487 -9.26 2.18 -32.64
CA GLU B 487 -9.74 2.94 -33.80
C GLU B 487 -8.57 3.35 -34.69
N ALA B 488 -7.51 3.88 -34.06
CA ALA B 488 -6.30 4.26 -34.79
C ALA B 488 -5.75 3.09 -35.61
N ALA B 489 -5.78 1.89 -35.03
CA ALA B 489 -5.34 0.70 -35.74
C ALA B 489 -6.48 0.11 -36.57
C4 1QR C . -14.68 -7.32 18.61
C5 1QR C . -14.63 -8.33 17.66
C6 1QR C . -13.46 -8.59 16.97
C7 1QR C . -13.39 -9.70 15.96
C13 1QR C . -14.19 -7.30 10.55
C17 1QR C . -12.11 -7.95 9.51
C26 1QR C . -11.49 -6.84 23.22
C28 1QR C . -13.87 -7.36 23.62
C1 1QR C . -12.34 -7.83 17.27
C2 1QR C . -12.40 -6.83 18.22
C3 1QR C . -13.58 -6.55 18.90
N8 1QR C . -13.25 -9.27 14.57
C9 1QR C . -14.29 -8.74 13.91
O10 1QR C . -15.38 -8.58 14.45
C11 1QR C . -14.04 -8.31 12.55
C12 1QR C . -14.84 -7.51 11.79
C14 1QR C . -14.50 -6.58 9.39
N15 1QR C . -13.64 -6.55 8.37
C16 1QR C . -12.49 -7.21 8.42
C18 1QR C . -12.97 -8.01 10.62
N19 1QR C . -12.88 -8.61 11.84
S21 1QR C . -13.65 -5.30 20.15
O22 1QR C . -14.99 -4.94 20.36
O23 1QR C . -12.59 -4.36 19.99
N24 1QR C . -13.21 -6.25 21.45
C25 1QR C . -11.78 -6.36 21.79
C27 1QR C . -12.46 -7.94 23.62
C29 1QR C . -14.25 -7.02 22.17
P PO4 D . -18.02 -8.36 6.73
O1 PO4 D . -17.65 -8.74 8.09
O2 PO4 D . -18.26 -6.86 6.72
O3 PO4 D . -19.18 -9.16 6.17
O4 PO4 D . -16.84 -8.67 5.82
P PO4 E . 11.50 13.04 -2.20
O1 PO4 E . 11.75 12.40 -0.83
O2 PO4 E . 10.05 13.40 -2.33
O3 PO4 E . 12.34 14.30 -2.28
O4 PO4 E . 11.91 12.02 -3.23
C1 EDO F . 8.95 13.50 1.03
O1 EDO F . 9.61 14.33 0.06
C2 EDO F . 7.58 13.09 0.48
O2 EDO F . 6.69 14.22 0.53
P PO4 G . -12.39 -0.40 5.33
O1 PO4 G . -12.62 0.34 6.63
O2 PO4 G . -11.52 -1.60 5.56
O3 PO4 G . -11.71 0.53 4.34
O4 PO4 G . -13.72 -0.84 4.77
C1 EDO H . 10.88 7.70 23.77
O1 EDO H . 9.94 8.06 22.74
C2 EDO H . 12.05 8.68 23.74
O2 EDO H . 11.63 9.94 24.29
C1 EDO I . 15.59 -12.95 10.69
O1 EDO I . 16.12 -12.12 9.64
C2 EDO I . 16.21 -12.55 12.02
O2 EDO I . 15.51 -11.42 12.55
C1 EDO J . 34.55 5.52 3.29
O1 EDO J . 34.93 5.19 4.63
C2 EDO J . 35.63 6.44 2.73
O2 EDO J . 35.93 7.43 3.71
C1 EDO K . 37.70 16.74 -9.29
O1 EDO K . 38.74 16.08 -8.56
C2 EDO K . 36.59 15.74 -9.55
O2 EDO K . 35.58 15.97 -8.56
C4 1QR L . 12.79 10.21 -18.51
C5 1QR L . 13.65 9.72 -17.54
C6 1QR L . 13.43 8.49 -16.97
C7 1QR L . 14.40 7.94 -15.96
C13 1QR L . 12.62 9.68 -10.54
C17 1QR L . 12.26 7.51 -9.54
C26 1QR L . 11.02 7.74 -23.32
C28 1QR L . 12.56 9.66 -23.67
C1 1QR L . 12.34 7.75 -17.38
C2 1QR L . 11.47 8.24 -18.33
C3 1QR L . 11.68 9.49 -18.88
N8 1QR L . 13.95 8.01 -14.58
C9 1QR L . 13.98 9.18 -13.91
O10 1QR L . 14.36 10.23 -14.43
C11 1QR L . 13.47 9.14 -12.53
C12 1QR L . 13.11 10.19 -11.74
C14 1QR L . 12.10 10.24 -9.36
N15 1QR L . 11.67 9.47 -8.36
C16 1QR L . 11.74 8.15 -8.45
C18 1QR L . 12.70 8.26 -10.64
N19 1QR L . 13.24 7.95 -11.86
S21 1QR L . 10.60 10.09 -20.16
O22 1QR L . 10.83 11.47 -20.36
O23 1QR L . 9.33 9.48 -20.07
N24 1QR L . 11.35 9.35 -21.46
C25 1QR L . 10.99 7.95 -21.81
C27 1QR L . 12.39 8.15 -23.86
C29 1QR L . 12.42 10.05 -22.19
P PO4 M . -16.73 -4.84 2.25
O1 PO4 M . -18.23 -5.06 2.43
O2 PO4 M . -15.94 -5.50 3.37
O3 PO4 M . -16.47 -3.37 2.25
O4 PO4 M . -16.33 -5.47 0.93
P PO4 N . 15.16 12.70 -6.70
O1 PO4 N . 14.88 11.48 -5.82
O2 PO4 N . 13.94 13.61 -6.69
O3 PO4 N . 16.34 13.39 -6.06
O4 PO4 N . 15.30 12.29 -8.07
C1 EDO O . -15.17 -1.25 -0.62
O1 EDO O . -15.78 0.04 -0.66
C2 EDO O . -16.18 -2.30 -1.06
O2 EDO O . -17.15 -2.52 -0.02
P PO4 P . 5.51 11.08 -5.38
O1 PO4 P . 5.33 9.67 -4.87
O2 PO4 P . 4.17 11.73 -5.60
O3 PO4 P . 6.30 11.88 -4.37
O4 PO4 P . 6.27 11.03 -6.69
C1 EDO Q . -22.51 -11.24 2.53
O1 EDO Q . -21.51 -12.19 2.13
C2 EDO Q . -23.68 -11.12 1.56
O2 EDO Q . -24.40 -12.34 1.51
C1 EDO R . -20.04 -28.55 -3.98
O1 EDO R . -20.43 -27.40 -3.21
C2 EDO R . -20.23 -29.80 -3.14
O2 EDO R . -21.58 -29.84 -2.69
C1 EDO S . 0.95 -1.32 -23.16
O1 EDO S . -0.31 -1.21 -23.82
C2 EDO S . 1.87 -0.22 -23.66
O2 EDO S . 1.94 -0.25 -25.09
C1 EDO T . -13.98 -5.79 -22.84
O1 EDO T . -14.17 -4.37 -23.02
C2 EDO T . -12.62 -6.23 -23.39
O2 EDO T . -11.59 -5.46 -22.76
#